data_4N98
#
_entry.id   4N98
#
_cell.length_a   79.900
_cell.length_b   67.160
_cell.length_c   81.060
_cell.angle_alpha   90.000
_cell.angle_beta   114.110
_cell.angle_gamma   90.000
#
_symmetry.space_group_name_H-M   'P 1 21 1'
#
loop_
_entity.id
_entity.type
_entity.pdbx_description
1 polymer 'DNA polymerase III subunit beta'
2 non-polymer "4'-FLUORO-1,1'-BIPHENYL-4-CARBOXYLIC ACID"
3 non-polymer 'CALCIUM ION'
4 non-polymer DI(HYDROXYETHYL)ETHER
5 non-polymer 'CHLORIDE ION'
6 water water
#
_entity_poly.entity_id   1
_entity_poly.type   'polypeptide(L)'
_entity_poly.pdbx_seq_one_letter_code
;MKFTVEREHLLKPLQQVSGPLGGRPTLPILGNLLLQVADGTLSLTGTDLEMEMVARVALVQPHEPGATTVPARKFFDICR
GLPEGAEIAVQLEGERMLVRSGRSRFSLSTLPAADFPNLDDWQSEVEFTLPQATMKRLIEATQFSMAHQDVRYYLNGMLF
ETEGEELRTVATDGHRLAVCSMPIGQSLPSHSVIVPRKGVIELMRMLDGGDNPLRVQIGSNNIRAHVGDFIFTSKLVDGR
FPDYRRVLPKNPDKHLEAGCDLLKQAFARAAILSNEKFRGVRLYVSENQLKITANNPEQEEAEEILDVTYSGAEMEIGFN
VSYVLDVLNALKCENVRMMLTDSVSSVQIEDAASQSAAYVVMPMRL
;
_entity_poly.pdbx_strand_id   A,B
#
loop_
_chem_comp.id
_chem_comp.type
_chem_comp.name
_chem_comp.formula
4FC non-polymer '4'-FLUORO-1,1'-BIPHENYL-4-CARBOXYLIC ACID' 'C13 H9 F O2'
CA non-polymer 'CALCIUM ION' 'Ca 2'
CL non-polymer 'CHLORIDE ION' 'Cl -1'
PEG non-polymer DI(HYDROXYETHYL)ETHER 'C4 H10 O3'
#
# COMPACT_ATOMS: atom_id res chain seq x y z
N MET A 1 20.59 1.40 -34.91
CA MET A 1 20.72 1.89 -33.50
C MET A 1 21.15 0.73 -32.61
N LYS A 2 22.27 0.92 -31.91
CA LYS A 2 22.83 -0.08 -31.00
C LYS A 2 23.48 0.60 -29.80
N PHE A 3 23.24 0.07 -28.60
CA PHE A 3 23.98 0.47 -27.40
C PHE A 3 24.03 -0.66 -26.42
N THR A 4 25.05 -0.64 -25.56
CA THR A 4 25.17 -1.54 -24.43
C THR A 4 25.44 -0.71 -23.20
N VAL A 5 24.59 -0.84 -22.19
CA VAL A 5 24.69 0.00 -20.99
CA VAL A 5 24.74 -0.04 -20.98
C VAL A 5 24.44 -0.86 -19.75
N GLU A 6 25.15 -0.55 -18.67
CA GLU A 6 24.94 -1.21 -17.40
C GLU A 6 23.53 -0.93 -16.90
N ARG A 7 22.90 -1.96 -16.34
CA ARG A 7 21.56 -1.86 -15.79
C ARG A 7 21.42 -0.66 -14.88
N GLU A 8 22.39 -0.49 -13.98
CA GLU A 8 22.36 0.58 -12.98
C GLU A 8 22.38 1.99 -13.57
N HIS A 9 22.85 2.15 -14.80
CA HIS A 9 22.82 3.46 -15.46
C HIS A 9 21.52 3.71 -16.23
N LEU A 10 20.71 2.67 -16.40
CA LEU A 10 19.42 2.82 -17.09
C LEU A 10 18.19 2.95 -16.18
N LEU A 11 18.24 2.38 -14.99
CA LEU A 11 17.03 2.29 -14.14
C LEU A 11 16.48 3.64 -13.71
N LYS A 12 17.34 4.51 -13.22
CA LYS A 12 16.87 5.82 -12.78
C LYS A 12 16.32 6.62 -13.98
N PRO A 13 17.08 6.69 -15.10
CA PRO A 13 16.53 7.35 -16.28
C PRO A 13 15.17 6.81 -16.71
N LEU A 14 15.04 5.50 -16.77
CA LEU A 14 13.75 4.89 -17.17
C LEU A 14 12.60 5.24 -16.22
N GLN A 15 12.88 5.20 -14.91
CA GLN A 15 11.89 5.63 -13.93
C GLN A 15 11.45 7.07 -14.18
N GLN A 16 12.41 7.94 -14.45
CA GLN A 16 12.13 9.36 -14.59
C GLN A 16 11.25 9.66 -15.81
N VAL A 17 11.48 8.91 -16.90
CA VAL A 17 10.73 9.14 -18.16
C VAL A 17 9.46 8.31 -18.26
N SER A 18 9.28 7.34 -17.35
CA SER A 18 8.13 6.42 -17.44
C SER A 18 6.80 6.89 -16.85
N GLY A 19 6.80 7.96 -16.06
CA GLY A 19 5.55 8.42 -15.43
C GLY A 19 4.74 7.30 -14.81
N THR A 26 -4.90 6.88 -24.65
CA THR A 26 -5.46 5.89 -25.57
C THR A 26 -4.64 5.84 -26.85
N LEU A 27 -4.05 6.97 -27.22
CA LEU A 27 -3.15 7.06 -28.37
C LEU A 27 -1.85 6.34 -28.03
N PRO A 28 -1.60 5.17 -28.66
CA PRO A 28 -0.56 4.26 -28.18
C PRO A 28 0.83 4.84 -28.06
N ILE A 29 1.22 5.75 -28.93
CA ILE A 29 2.61 6.21 -28.93
C ILE A 29 2.99 6.94 -27.65
N LEU A 30 2.00 7.47 -26.93
CA LEU A 30 2.27 8.09 -25.64
C LEU A 30 2.70 7.11 -24.56
N GLY A 31 2.47 5.81 -24.80
CA GLY A 31 2.91 4.74 -23.94
C GLY A 31 4.31 4.25 -24.26
N ASN A 32 4.95 4.88 -25.26
CA ASN A 32 6.29 4.50 -25.65
C ASN A 32 7.32 5.54 -25.24
N LEU A 33 8.56 5.09 -25.10
CA LEU A 33 9.70 5.98 -24.92
C LEU A 33 10.43 6.14 -26.24
N LEU A 34 10.79 7.37 -26.57
CA LEU A 34 11.67 7.68 -27.68
C LEU A 34 13.08 7.38 -27.25
N LEU A 35 13.75 6.51 -27.98
CA LEU A 35 15.18 6.24 -27.72
C LEU A 35 16.01 6.81 -28.86
N GLN A 36 17.08 7.55 -28.55
CA GLN A 36 17.92 8.16 -29.59
C GLN A 36 19.37 7.97 -29.21
N VAL A 37 20.12 7.31 -30.09
CA VAL A 37 21.56 7.22 -29.95
C VAL A 37 22.11 8.24 -30.94
N ALA A 38 22.84 9.21 -30.41
CA ALA A 38 23.39 10.29 -31.22
C ALA A 38 24.62 10.79 -30.51
N ASP A 39 25.69 11.06 -31.26
CA ASP A 39 26.99 11.38 -30.70
C ASP A 39 27.39 10.45 -29.53
N GLY A 40 27.72 10.96 -28.36
CA GLY A 40 28.14 10.05 -27.29
C GLY A 40 27.02 9.63 -26.36
N THR A 41 25.77 9.68 -26.82
CA THR A 41 24.65 9.78 -25.89
C THR A 41 23.39 9.02 -26.28
N LEU A 42 22.83 8.31 -25.31
CA LEU A 42 21.49 7.78 -25.39
C LEU A 42 20.56 8.76 -24.71
N SER A 43 19.54 9.19 -25.45
CA SER A 43 18.49 10.03 -24.93
C SER A 43 17.21 9.22 -24.87
N LEU A 44 16.49 9.38 -23.76
CA LEU A 44 15.23 8.71 -23.51
C LEU A 44 14.21 9.76 -23.24
N THR A 45 13.14 9.79 -24.02
CA THR A 45 12.09 10.75 -23.79
C THR A 45 10.74 10.07 -23.56
N GLY A 46 10.02 10.60 -22.56
CA GLY A 46 8.61 10.25 -22.31
C GLY A 46 7.79 11.52 -22.35
N THR A 47 6.56 11.42 -22.84
CA THR A 47 5.64 12.55 -22.88
C THR A 47 4.18 12.13 -22.72
N ASP A 48 3.34 13.07 -22.26
CA ASP A 48 1.88 12.91 -22.31
C ASP A 48 1.19 14.11 -23.03
N LEU A 49 1.97 14.84 -23.84
CA LEU A 49 1.53 16.03 -24.56
C LEU A 49 1.46 17.31 -23.70
N GLU A 50 1.26 17.18 -22.38
CA GLU A 50 1.27 18.34 -21.49
C GLU A 50 2.67 18.62 -20.95
N MET A 51 3.39 17.55 -20.66
CA MET A 51 4.75 17.64 -20.18
C MET A 51 5.62 16.55 -20.78
N GLU A 52 6.93 16.71 -20.63
CA GLU A 52 7.90 15.83 -21.23
C GLU A 52 9.10 15.69 -20.31
N MET A 53 9.68 14.49 -20.25
CA MET A 53 10.95 14.26 -19.53
C MET A 53 11.98 13.68 -20.46
N VAL A 54 13.17 14.27 -20.47
CA VAL A 54 14.29 13.80 -21.29
C VAL A 54 15.46 13.46 -20.39
N ALA A 55 15.99 12.24 -20.55
CA ALA A 55 17.11 11.77 -19.76
C ALA A 55 18.24 11.50 -20.72
N ARG A 56 19.44 11.97 -20.39
CA ARG A 56 20.63 11.66 -21.19
C ARG A 56 21.53 10.69 -20.44
N VAL A 57 22.04 9.71 -21.18
CA VAL A 57 22.94 8.71 -20.66
C VAL A 57 24.17 8.63 -21.56
N ALA A 58 25.35 8.85 -20.97
CA ALA A 58 26.60 8.79 -21.69
C ALA A 58 26.88 7.36 -22.10
N LEU A 59 27.36 7.17 -23.32
CA LEU A 59 27.58 5.85 -23.83
C LEU A 59 29.07 5.60 -23.92
N VAL A 60 29.63 4.87 -22.96
CA VAL A 60 31.07 4.57 -22.95
C VAL A 60 31.44 3.31 -23.71
N GLN A 61 30.45 2.48 -24.05
CA GLN A 61 30.68 1.22 -24.74
C GLN A 61 30.33 1.46 -26.21
N PRO A 62 30.81 0.60 -27.12
CA PRO A 62 30.51 0.78 -28.54
C PRO A 62 29.02 0.97 -28.80
N HIS A 63 28.68 1.86 -29.72
CA HIS A 63 27.28 2.15 -30.05
C HIS A 63 27.17 2.59 -31.50
N GLU A 64 25.96 2.57 -32.00
CA GLU A 64 25.65 2.95 -33.38
C GLU A 64 24.40 3.82 -33.33
N PRO A 65 24.35 4.89 -34.14
CA PRO A 65 23.28 5.89 -34.08
C PRO A 65 21.94 5.41 -34.64
N GLY A 66 20.87 6.03 -34.17
CA GLY A 66 19.52 5.81 -34.72
C GLY A 66 18.48 6.06 -33.65
N ALA A 67 17.23 5.95 -34.04
CA ALA A 67 16.15 6.21 -33.12
C ALA A 67 14.94 5.33 -33.35
N THR A 68 14.22 5.06 -32.27
CA THR A 68 12.98 4.31 -32.31
C THR A 68 12.18 4.60 -31.04
N THR A 69 11.00 4.00 -30.92
CA THR A 69 10.23 4.10 -29.70
C THR A 69 9.82 2.72 -29.29
N VAL A 70 9.71 2.50 -27.99
CA VAL A 70 9.38 1.20 -27.44
C VAL A 70 8.44 1.35 -26.27
N PRO A 71 7.62 0.32 -26.00
CA PRO A 71 6.73 0.32 -24.83
C PRO A 71 7.49 0.64 -23.54
N ALA A 72 7.09 1.70 -22.86
CA ALA A 72 7.84 2.20 -21.69
C ALA A 72 7.83 1.22 -20.52
N ARG A 73 6.65 0.77 -20.13
CA ARG A 73 6.49 -0.09 -18.96
C ARG A 73 7.22 -1.42 -19.18
N LYS A 74 6.97 -2.07 -20.31
CA LYS A 74 7.66 -3.31 -20.64
C LYS A 74 9.18 -3.18 -20.65
N PHE A 75 9.74 -2.16 -21.31
CA PHE A 75 11.20 -2.01 -21.32
C PHE A 75 11.77 -1.76 -19.89
N PHE A 76 11.10 -0.90 -19.13
CA PHE A 76 11.46 -0.62 -17.73
C PHE A 76 11.40 -1.90 -16.89
N ASP A 77 10.29 -2.62 -16.99
CA ASP A 77 10.11 -3.85 -16.21
C ASP A 77 11.15 -4.92 -16.56
N ILE A 78 11.52 -5.01 -17.83
CA ILE A 78 12.55 -5.94 -18.26
C ILE A 78 13.89 -5.57 -17.65
N CYS A 79 14.28 -4.30 -17.76
CA CYS A 79 15.58 -3.86 -17.24
C CYS A 79 15.68 -4.01 -15.72
N ARG A 80 14.61 -3.66 -15.04
CA ARG A 80 14.51 -3.75 -13.58
C ARG A 80 14.55 -5.20 -13.13
N GLY A 81 13.89 -6.08 -13.88
CA GLY A 81 13.88 -7.49 -13.54
C GLY A 81 15.15 -8.26 -13.78
N LEU A 82 16.09 -7.67 -14.53
CA LEU A 82 17.40 -8.26 -14.72
C LEU A 82 18.21 -8.11 -13.42
N PRO A 83 19.23 -8.95 -13.25
CA PRO A 83 20.00 -8.96 -12.00
C PRO A 83 20.92 -7.77 -11.87
N GLU A 84 21.27 -7.49 -10.62
CA GLU A 84 22.27 -6.51 -10.28
C GLU A 84 23.54 -6.70 -11.11
N GLY A 85 24.00 -5.61 -11.71
CA GLY A 85 25.23 -5.63 -12.52
C GLY A 85 25.06 -6.08 -13.96
N ALA A 86 23.82 -6.28 -14.40
CA ALA A 86 23.61 -6.80 -15.76
C ALA A 86 24.04 -5.74 -16.78
N GLU A 87 24.67 -6.20 -17.86
CA GLU A 87 24.92 -5.38 -19.02
C GLU A 87 23.79 -5.60 -20.02
N ILE A 88 23.23 -4.51 -20.50
CA ILE A 88 22.03 -4.58 -21.30
C ILE A 88 22.33 -4.08 -22.70
N ALA A 89 22.37 -5.02 -23.64
CA ALA A 89 22.69 -4.77 -25.04
C ALA A 89 21.40 -4.63 -25.81
N VAL A 90 21.29 -3.53 -26.56
CA VAL A 90 20.05 -3.18 -27.23
C VAL A 90 20.36 -2.95 -28.69
N GLN A 91 19.48 -3.41 -29.58
CA GLN A 91 19.64 -3.14 -31.00
C GLN A 91 18.32 -3.24 -31.73
N LEU A 92 18.16 -2.36 -32.71
CA LEU A 92 16.96 -2.33 -33.53
C LEU A 92 17.19 -3.32 -34.64
N GLU A 93 16.26 -4.27 -34.81
CA GLU A 93 16.32 -5.21 -35.92
C GLU A 93 14.97 -5.23 -36.61
N GLY A 94 14.96 -4.67 -37.83
CA GLY A 94 13.71 -4.44 -38.54
C GLY A 94 12.86 -3.49 -37.72
N GLU A 95 11.65 -3.95 -37.42
CA GLU A 95 10.68 -3.17 -36.65
C GLU A 95 10.58 -3.61 -35.21
N ARG A 96 11.55 -4.40 -34.76
CA ARG A 96 11.58 -4.90 -33.39
C ARG A 96 12.81 -4.37 -32.70
N MET A 97 12.70 -4.13 -31.40
CA MET A 97 13.89 -3.80 -30.62
C MET A 97 14.31 -4.99 -29.77
N LEU A 98 15.55 -5.44 -29.98
CA LEU A 98 16.09 -6.60 -29.27
C LEU A 98 16.82 -6.10 -28.01
N VAL A 99 16.56 -6.77 -26.90
CA VAL A 99 17.20 -6.46 -25.64
C VAL A 99 17.87 -7.72 -25.15
N ARG A 100 19.16 -7.68 -24.89
CA ARG A 100 19.84 -8.88 -24.47
C ARG A 100 20.70 -8.62 -23.25
N SER A 101 20.67 -9.57 -22.32
CA SER A 101 21.58 -9.56 -21.18
C SER A 101 21.76 -10.97 -20.68
N GLY A 102 23.01 -11.41 -20.51
CA GLY A 102 23.27 -12.79 -20.10
C GLY A 102 22.67 -13.71 -21.14
N ARG A 103 21.81 -14.62 -20.69
CA ARG A 103 21.04 -15.46 -21.58
C ARG A 103 19.53 -15.16 -21.45
N SER A 104 19.22 -13.90 -21.23
CA SER A 104 17.88 -13.37 -21.26
C SER A 104 17.77 -12.57 -22.54
N ARG A 105 16.70 -12.78 -23.31
CA ARG A 105 16.53 -12.18 -24.63
C ARG A 105 15.09 -11.75 -24.82
N PHE A 106 14.90 -10.53 -25.31
CA PHE A 106 13.57 -9.95 -25.44
C PHE A 106 13.44 -9.25 -26.76
N SER A 107 12.27 -9.30 -27.35
CA SER A 107 12.01 -8.68 -28.62
C SER A 107 10.76 -7.84 -28.45
N LEU A 108 10.94 -6.52 -28.51
CA LEU A 108 9.87 -5.58 -28.24
C LEU A 108 9.34 -4.96 -29.54
N SER A 109 8.05 -4.63 -29.55
CA SER A 109 7.47 -3.89 -30.66
C SER A 109 7.96 -2.44 -30.63
N THR A 110 7.89 -1.78 -31.79
CA THR A 110 8.28 -0.38 -31.89
C THR A 110 7.23 0.44 -32.63
N LEU A 111 7.24 1.76 -32.39
CA LEU A 111 6.51 2.71 -33.25
C LEU A 111 7.55 3.70 -33.77
N PRO A 112 7.43 4.14 -35.04
CA PRO A 112 8.52 4.95 -35.60
C PRO A 112 8.85 6.18 -34.77
N ALA A 113 10.14 6.49 -34.62
CA ALA A 113 10.55 7.74 -33.98
C ALA A 113 9.94 9.00 -34.62
N ALA A 114 9.71 8.99 -35.94
CA ALA A 114 9.11 10.14 -36.62
C ALA A 114 7.68 10.46 -36.18
N ASP A 115 7.00 9.51 -35.54
CA ASP A 115 5.65 9.72 -35.03
C ASP A 115 5.64 10.24 -33.58
N PHE A 116 6.80 10.30 -32.93
CA PHE A 116 6.84 10.71 -31.51
C PHE A 116 6.58 12.21 -31.40
N PRO A 117 5.58 12.60 -30.59
CA PRO A 117 5.23 14.04 -30.60
C PRO A 117 6.26 14.89 -29.89
N ASN A 118 6.53 16.08 -30.44
CA ASN A 118 7.32 17.13 -29.79
C ASN A 118 6.41 18.17 -29.14
N LEU A 119 6.85 18.74 -28.03
CA LEU A 119 6.26 19.99 -27.57
C LEU A 119 6.72 21.08 -28.53
N ASP A 120 5.89 22.09 -28.71
CA ASP A 120 6.26 23.23 -29.56
C ASP A 120 7.50 23.94 -29.02
N ASP A 121 8.31 24.48 -29.91
CA ASP A 121 9.47 25.29 -29.52
C ASP A 121 9.01 26.57 -28.80
N TRP A 122 9.83 27.08 -27.90
CA TRP A 122 9.49 28.30 -27.16
C TRP A 122 10.77 28.95 -26.69
N GLN A 123 10.65 30.19 -26.19
CA GLN A 123 11.82 30.96 -25.75
C GLN A 123 11.83 31.14 -24.24
N SER A 124 13.00 30.97 -23.65
CA SER A 124 13.20 31.26 -22.22
C SER A 124 13.18 32.77 -21.94
N GLU A 125 12.39 33.18 -20.94
CA GLU A 125 12.21 34.59 -20.55
C GLU A 125 12.73 34.91 -19.14
N VAL A 126 12.62 33.95 -18.21
CA VAL A 126 13.10 34.08 -16.84
C VAL A 126 13.92 32.84 -16.49
N GLU A 127 15.05 33.03 -15.84
CA GLU A 127 15.93 31.91 -15.54
C GLU A 127 16.54 32.09 -14.18
N PHE A 128 16.71 31.00 -13.47
CA PHE A 128 17.44 31.03 -12.22
C PHE A 128 17.88 29.63 -11.82
N THR A 129 18.87 29.57 -10.94
CA THR A 129 19.38 28.31 -10.43
C THR A 129 19.10 28.28 -8.95
N LEU A 130 18.84 27.08 -8.41
CA LEU A 130 18.66 26.93 -6.97
C LEU A 130 18.99 25.50 -6.55
N PRO A 131 19.34 25.32 -5.26
CA PRO A 131 19.60 23.97 -4.77
C PRO A 131 18.37 23.07 -4.89
N GLN A 132 18.59 21.80 -5.19
CA GLN A 132 17.51 20.83 -5.17
C GLN A 132 16.71 20.89 -3.87
N ALA A 133 17.41 21.07 -2.74
CA ALA A 133 16.77 21.02 -1.44
C ALA A 133 15.79 22.19 -1.24
N THR A 134 16.12 23.34 -1.81
CA THR A 134 15.25 24.50 -1.78
C THR A 134 13.95 24.18 -2.54
N MET A 135 14.04 23.63 -3.73
CA MET A 135 12.81 23.28 -4.47
C MET A 135 11.98 22.21 -3.76
N LYS A 136 12.63 21.20 -3.19
CA LYS A 136 11.95 20.17 -2.42
C LYS A 136 11.14 20.82 -1.29
N ARG A 137 11.82 21.68 -0.54
CA ARG A 137 11.21 22.45 0.56
C ARG A 137 9.98 23.22 0.05
N LEU A 138 10.15 23.99 -1.01
CA LEU A 138 9.05 24.80 -1.58
C LEU A 138 7.85 23.96 -1.97
N ILE A 139 8.09 22.82 -2.62
CA ILE A 139 7.00 22.01 -3.07
C ILE A 139 6.32 21.25 -1.93
N GLU A 140 7.10 20.58 -1.10
CA GLU A 140 6.53 19.76 -0.01
CA GLU A 140 6.52 19.76 -0.03
C GLU A 140 5.78 20.63 0.98
N ALA A 141 6.20 21.89 1.13
CA ALA A 141 5.55 22.80 2.07
C ALA A 141 4.13 23.11 1.65
N THR A 142 3.82 23.03 0.35
CA THR A 142 2.55 23.54 -0.16
C THR A 142 1.68 22.58 -0.97
N GLN A 143 2.25 21.51 -1.51
CA GLN A 143 1.58 20.64 -2.50
C GLN A 143 0.18 20.16 -2.10
N PHE A 144 0.02 19.83 -0.81
CA PHE A 144 -1.19 19.24 -0.26
C PHE A 144 -2.40 20.16 -0.36
N SER A 145 -2.14 21.46 -0.52
CA SER A 145 -3.21 22.45 -0.53
C SER A 145 -3.73 22.75 -1.94
N MET A 146 -3.18 22.08 -2.95
CA MET A 146 -3.66 22.29 -4.32
C MET A 146 -5.04 21.69 -4.44
N ALA A 147 -5.87 22.26 -5.31
CA ALA A 147 -7.14 21.63 -5.64
C ALA A 147 -6.89 20.38 -6.49
N HIS A 148 -7.86 19.48 -6.47
CA HIS A 148 -7.96 18.31 -7.36
C HIS A 148 -9.27 18.47 -8.16
N GLN A 149 -9.15 18.69 -9.46
CA GLN A 149 -10.29 18.76 -10.38
C GLN A 149 -11.37 19.80 -10.07
N ASP A 150 -10.95 20.93 -9.48
CA ASP A 150 -11.83 22.06 -9.27
C ASP A 150 -12.15 22.69 -10.63
N VAL A 151 -13.38 23.20 -10.80
CA VAL A 151 -13.72 23.87 -12.06
C VAL A 151 -12.93 25.16 -12.25
N ARG A 152 -12.37 25.74 -11.18
CA ARG A 152 -11.41 26.81 -11.34
C ARG A 152 -10.12 26.11 -11.63
N TYR A 153 -9.87 25.88 -12.91
CA TYR A 153 -8.72 25.10 -13.37
C TYR A 153 -7.39 25.67 -12.86
N TYR A 154 -7.35 26.97 -12.59
CA TYR A 154 -6.12 27.64 -12.12
C TYR A 154 -5.70 27.19 -10.69
N LEU A 155 -6.62 26.56 -9.98
CA LEU A 155 -6.35 26.04 -8.63
C LEU A 155 -5.84 24.60 -8.63
N ASN A 156 -5.92 23.90 -9.76
CA ASN A 156 -5.40 22.52 -9.90
C ASN A 156 -3.94 22.54 -10.33
N GLY A 157 -3.13 23.19 -9.52
CA GLY A 157 -1.76 23.44 -9.87
C GLY A 157 -1.15 24.24 -8.78
N MET A 158 0.04 24.75 -9.04
CA MET A 158 0.79 25.49 -8.03
C MET A 158 1.38 26.74 -8.64
N LEU A 159 1.20 27.86 -7.96
CA LEU A 159 1.81 29.11 -8.38
C LEU A 159 3.27 29.08 -8.04
N PHE A 160 4.13 29.38 -9.00
CA PHE A 160 5.53 29.66 -8.74
C PHE A 160 5.78 31.13 -9.02
N GLU A 161 6.13 31.88 -8.00
CA GLU A 161 6.29 33.33 -8.12
C GLU A 161 7.72 33.73 -7.80
N THR A 162 8.28 34.63 -8.59
CA THR A 162 9.57 35.23 -8.30
C THR A 162 9.34 36.68 -7.90
N GLU A 163 10.07 37.11 -6.90
CA GLU A 163 9.94 38.44 -6.36
C GLU A 163 11.20 38.76 -5.58
N GLY A 164 11.86 39.87 -5.93
CA GLY A 164 13.14 40.24 -5.37
C GLY A 164 14.17 39.17 -5.67
N GLU A 165 14.62 38.46 -4.63
CA GLU A 165 15.47 37.28 -4.77
C GLU A 165 14.80 36.02 -4.24
N GLU A 166 13.48 36.04 -4.12
CA GLU A 166 12.77 34.90 -3.56
C GLU A 166 11.98 34.15 -4.61
N LEU A 167 11.95 32.83 -4.47
CA LEU A 167 11.02 31.99 -5.19
C LEU A 167 9.98 31.58 -4.17
N ARG A 168 8.71 31.64 -4.59
CA ARG A 168 7.60 31.35 -3.73
C ARG A 168 6.70 30.37 -4.41
N THR A 169 6.16 29.45 -3.62
CA THR A 169 5.07 28.64 -4.09
C THR A 169 3.80 28.96 -3.32
N VAL A 170 2.68 28.88 -4.04
CA VAL A 170 1.38 29.05 -3.46
C VAL A 170 0.48 27.96 -3.98
N ALA A 171 -0.26 27.33 -3.06
CA ALA A 171 -1.28 26.36 -3.42
C ALA A 171 -2.54 26.62 -2.61
N THR A 172 -3.69 26.53 -3.26
CA THR A 172 -4.96 26.68 -2.57
C THR A 172 -6.07 26.04 -3.35
N ASP A 173 -7.09 25.58 -2.64
CA ASP A 173 -8.25 24.95 -3.22
C ASP A 173 -9.51 25.77 -2.95
N GLY A 174 -9.33 27.02 -2.54
CA GLY A 174 -10.44 27.89 -2.26
C GLY A 174 -10.95 27.82 -0.82
N HIS A 175 -10.43 26.87 -0.04
CA HIS A 175 -10.85 26.68 1.35
C HIS A 175 -9.69 26.80 2.33
N ARG A 176 -8.52 26.35 1.91
CA ARG A 176 -7.30 26.47 2.70
C ARG A 176 -6.17 26.79 1.72
N LEU A 177 -5.13 27.41 2.22
CA LEU A 177 -4.03 27.88 1.38
C LEU A 177 -2.69 27.61 2.06
N ALA A 178 -1.66 27.33 1.27
CA ALA A 178 -0.30 27.19 1.74
C ALA A 178 0.60 28.11 0.93
N VAL A 179 1.52 28.79 1.59
CA VAL A 179 2.54 29.61 0.94
C VAL A 179 3.90 29.37 1.55
N CYS A 180 4.92 29.30 0.70
CA CYS A 180 6.28 29.11 1.16
C CYS A 180 7.22 29.92 0.26
N SER A 181 8.16 30.62 0.87
CA SER A 181 9.07 31.52 0.15
C SER A 181 10.50 31.23 0.60
N MET A 182 11.41 31.18 -0.36
CA MET A 182 12.79 30.89 -0.05
C MET A 182 13.71 31.78 -0.88
N PRO A 183 14.78 32.28 -0.26
CA PRO A 183 15.75 33.11 -0.95
C PRO A 183 16.62 32.25 -1.84
N ILE A 184 16.97 32.75 -3.01
CA ILE A 184 17.85 31.99 -3.88
C ILE A 184 19.10 32.75 -4.37
N GLY A 185 19.32 33.96 -3.86
CA GLY A 185 20.58 34.68 -4.08
C GLY A 185 20.81 35.25 -5.47
N GLN A 186 19.76 35.36 -6.27
CA GLN A 186 19.83 36.00 -7.58
C GLN A 186 18.73 37.03 -7.67
N SER A 187 19.04 38.17 -8.29
CA SER A 187 18.06 39.22 -8.60
C SER A 187 17.06 38.79 -9.68
N LEU A 188 15.82 38.53 -9.26
CA LEU A 188 14.81 38.00 -10.17
C LEU A 188 13.82 39.06 -10.62
N PRO A 189 13.24 38.90 -11.83
CA PRO A 189 12.12 39.76 -12.20
C PRO A 189 10.89 39.35 -11.42
N SER A 190 9.88 40.22 -11.34
CA SER A 190 8.66 39.88 -10.63
C SER A 190 7.78 39.15 -11.62
N HIS A 191 7.51 37.88 -11.33
CA HIS A 191 6.83 37.04 -12.29
C HIS A 191 6.07 35.89 -11.59
N SER A 192 4.95 35.50 -12.15
CA SER A 192 4.17 34.37 -11.65
C SER A 192 3.79 33.46 -12.79
N VAL A 193 3.82 32.16 -12.55
CA VAL A 193 3.25 31.15 -13.44
C VAL A 193 2.58 30.03 -12.65
N ILE A 194 1.60 29.39 -13.26
CA ILE A 194 0.91 28.25 -12.66
C ILE A 194 1.35 26.96 -13.32
N VAL A 195 1.91 26.06 -12.51
CA VAL A 195 2.33 24.76 -12.97
C VAL A 195 1.23 23.75 -12.66
N PRO A 196 0.83 22.94 -13.65
CA PRO A 196 -0.22 21.94 -13.46
C PRO A 196 0.19 20.89 -12.43
N ARG A 197 -0.79 20.39 -11.67
CA ARG A 197 -0.46 19.56 -10.52
C ARG A 197 0.38 18.33 -10.90
N LYS A 198 0.11 17.74 -12.06
CA LYS A 198 0.91 16.62 -12.55
C LYS A 198 2.38 17.01 -12.77
N GLY A 199 2.60 18.25 -13.21
CA GLY A 199 3.94 18.76 -13.42
C GLY A 199 4.67 18.94 -12.10
N VAL A 200 3.93 19.41 -11.10
CA VAL A 200 4.48 19.55 -9.75
C VAL A 200 4.96 18.20 -9.23
N ILE A 201 4.11 17.18 -9.35
CA ILE A 201 4.45 15.84 -8.89
C ILE A 201 5.72 15.33 -9.60
N GLU A 202 5.77 15.52 -10.91
CA GLU A 202 6.89 15.04 -11.72
C GLU A 202 8.16 15.83 -11.43
N LEU A 203 8.02 17.13 -11.25
CA LEU A 203 9.15 17.97 -10.87
C LEU A 203 9.70 17.49 -9.53
N MET A 204 8.81 17.28 -8.57
CA MET A 204 9.20 16.83 -7.23
C MET A 204 9.96 15.52 -7.31
N ARG A 205 9.45 14.61 -8.15
CA ARG A 205 10.02 13.28 -8.30
C ARG A 205 11.44 13.31 -8.90
N MET A 206 11.83 14.40 -9.58
CA MET A 206 13.15 14.43 -10.18
C MET A 206 14.24 14.90 -9.22
N LEU A 207 13.84 15.31 -8.02
CA LEU A 207 14.74 15.78 -6.98
C LEU A 207 15.05 14.64 -6.02
N ASP A 208 15.78 13.65 -6.51
CA ASP A 208 16.12 12.49 -5.71
C ASP A 208 17.57 12.16 -5.97
N GLY A 209 18.49 12.73 -5.18
CA GLY A 209 18.17 13.72 -4.15
C GLY A 209 19.44 14.22 -3.49
N GLY A 210 20.43 14.56 -4.31
CA GLY A 210 21.78 14.90 -3.84
C GLY A 210 22.14 16.35 -4.08
N ASP A 211 23.39 16.59 -4.51
CA ASP A 211 23.97 17.95 -4.57
C ASP A 211 23.87 18.66 -5.93
N ASN A 212 23.33 18.01 -6.96
CA ASN A 212 23.16 18.67 -8.26
C ASN A 212 22.19 19.83 -8.14
N PRO A 213 22.58 21.03 -8.61
CA PRO A 213 21.63 22.15 -8.58
C PRO A 213 20.57 22.05 -9.67
N LEU A 214 19.48 22.79 -9.48
CA LEU A 214 18.39 22.83 -10.44
C LEU A 214 18.47 24.14 -11.21
N ARG A 215 18.36 24.08 -12.54
CA ARG A 215 18.26 25.27 -13.39
C ARG A 215 16.86 25.34 -13.93
N VAL A 216 16.20 26.46 -13.71
CA VAL A 216 14.81 26.65 -14.11
C VAL A 216 14.71 27.70 -15.20
N GLN A 217 13.96 27.36 -16.25
CA GLN A 217 13.67 28.30 -17.31
C GLN A 217 12.18 28.44 -17.47
N ILE A 218 11.72 29.68 -17.51
CA ILE A 218 10.29 29.99 -17.60
C ILE A 218 10.03 30.81 -18.83
N GLY A 219 9.15 30.28 -19.69
CA GLY A 219 8.68 30.98 -20.86
C GLY A 219 7.23 31.39 -20.68
N SER A 220 6.66 31.96 -21.74
CA SER A 220 5.31 32.50 -21.65
C SER A 220 4.29 31.39 -21.38
N ASN A 221 4.59 30.17 -21.83
CA ASN A 221 3.63 29.06 -21.74
C ASN A 221 4.27 27.74 -21.33
N ASN A 222 5.48 27.82 -20.79
CA ASN A 222 6.26 26.64 -20.46
C ASN A 222 7.15 26.89 -19.29
N ILE A 223 7.41 25.83 -18.54
CA ILE A 223 8.50 25.84 -17.58
C ILE A 223 9.39 24.65 -17.87
N ARG A 224 10.71 24.84 -17.71
CA ARG A 224 11.66 23.76 -17.85
C ARG A 224 12.56 23.70 -16.63
N ALA A 225 12.89 22.49 -16.21
CA ALA A 225 13.83 22.26 -15.12
C ALA A 225 14.91 21.26 -15.53
N HIS A 226 16.17 21.69 -15.40
CA HIS A 226 17.37 20.90 -15.69
CA HIS A 226 17.32 20.85 -15.70
C HIS A 226 17.99 20.48 -14.38
N VAL A 227 18.08 19.18 -14.12
CA VAL A 227 18.92 18.73 -13.01
C VAL A 227 19.69 17.48 -13.42
N GLY A 228 21.00 17.50 -13.16
CA GLY A 228 21.86 16.41 -13.60
C GLY A 228 21.64 16.21 -15.08
N ASP A 229 21.36 14.97 -15.44
CA ASP A 229 21.21 14.57 -16.83
C ASP A 229 19.73 14.43 -17.22
N PHE A 230 18.88 15.24 -16.61
CA PHE A 230 17.44 15.19 -16.83
C PHE A 230 16.92 16.58 -17.18
N ILE A 231 16.01 16.66 -18.15
CA ILE A 231 15.37 17.90 -18.52
C ILE A 231 13.86 17.66 -18.53
N PHE A 232 13.16 18.37 -17.65
CA PHE A 232 11.69 18.32 -17.58
C PHE A 232 11.10 19.58 -18.15
N THR A 233 10.08 19.44 -19.01
CA THR A 233 9.38 20.57 -19.58
C THR A 233 7.87 20.40 -19.39
N SER A 234 7.19 21.42 -18.92
CA SER A 234 5.73 21.38 -18.82
C SER A 234 5.08 22.60 -19.46
N LYS A 235 3.87 22.43 -19.98
CA LYS A 235 2.99 23.56 -20.23
C LYS A 235 2.60 24.20 -18.88
N LEU A 236 2.18 25.46 -18.93
CA LEU A 236 1.65 26.17 -17.78
C LEU A 236 0.13 26.22 -17.86
N VAL A 237 -0.52 26.66 -16.78
CA VAL A 237 -1.97 26.79 -16.71
C VAL A 237 -2.36 28.27 -16.83
N ASP A 238 -3.34 28.58 -17.67
CA ASP A 238 -3.81 29.98 -17.82
C ASP A 238 -4.67 30.36 -16.63
N GLY A 239 -4.94 31.64 -16.48
CA GLY A 239 -5.92 32.11 -15.51
C GLY A 239 -5.32 32.92 -14.38
N ARG A 240 -6.20 33.53 -13.59
CA ARG A 240 -5.82 34.51 -12.59
C ARG A 240 -5.79 33.87 -11.20
N PHE A 241 -4.58 33.49 -10.75
CA PHE A 241 -4.40 32.82 -9.46
C PHE A 241 -4.68 33.82 -8.36
N PRO A 242 -5.32 33.38 -7.26
CA PRO A 242 -5.53 34.32 -6.15
C PRO A 242 -4.24 34.85 -5.55
N ASP A 243 -4.36 35.98 -4.86
CA ASP A 243 -3.24 36.67 -4.26
C ASP A 243 -3.15 36.26 -2.80
N TYR A 244 -2.09 35.54 -2.43
CA TYR A 244 -1.96 35.01 -1.07
C TYR A 244 -1.95 36.12 -0.02
N ARG A 245 -1.53 37.32 -0.40
CA ARG A 245 -1.53 38.49 0.48
C ARG A 245 -2.96 38.88 0.93
N ARG A 246 -3.96 38.53 0.12
CA ARG A 246 -5.39 38.74 0.43
C ARG A 246 -5.99 37.66 1.30
N VAL A 247 -5.38 36.48 1.28
CA VAL A 247 -5.89 35.36 2.05
C VAL A 247 -5.28 35.37 3.45
N LEU A 248 -4.03 35.84 3.56
CA LEU A 248 -3.38 35.98 4.88
C LEU A 248 -4.18 36.97 5.69
N PRO A 249 -4.54 36.62 6.93
CA PRO A 249 -5.24 37.60 7.75
C PRO A 249 -4.45 38.89 7.96
N LYS A 250 -5.12 40.04 7.94
CA LYS A 250 -4.43 41.33 8.02
C LYS A 250 -3.73 41.60 9.35
N ASN A 251 -4.35 41.19 10.46
CA ASN A 251 -3.75 41.38 11.78
C ASN A 251 -4.28 40.32 12.74
N PRO A 252 -3.78 39.07 12.59
CA PRO A 252 -4.15 37.94 13.44
C PRO A 252 -3.38 37.98 14.75
N ASP A 253 -3.68 38.99 15.57
CA ASP A 253 -2.85 39.31 16.72
C ASP A 253 -3.10 38.49 17.99
N LYS A 254 -4.03 37.53 17.93
CA LYS A 254 -4.21 36.54 18.99
C LYS A 254 -3.29 35.36 18.67
N HIS A 255 -2.23 35.18 19.46
CA HIS A 255 -1.16 34.21 19.20
C HIS A 255 -1.15 33.06 20.22
N LEU A 256 -1.36 31.84 19.74
CA LEU A 256 -1.31 30.62 20.53
C LEU A 256 -0.13 29.79 20.08
N GLU A 257 0.66 29.30 21.04
CA GLU A 257 1.74 28.36 20.74
C GLU A 257 1.51 27.02 21.48
N ALA A 258 1.72 25.92 20.76
CA ALA A 258 1.57 24.57 21.28
C ALA A 258 2.50 23.60 20.57
N GLY A 259 2.77 22.46 21.22
CA GLY A 259 3.51 21.37 20.62
C GLY A 259 2.79 20.86 19.40
N CYS A 260 3.53 20.70 18.31
CA CYS A 260 2.91 20.23 17.08
C CYS A 260 2.25 18.87 17.25
N ASP A 261 3.02 17.88 17.70
CA ASP A 261 2.50 16.52 17.77
C ASP A 261 1.37 16.42 18.78
N LEU A 262 1.49 17.13 19.91
CA LEU A 262 0.40 17.14 20.90
C LEU A 262 -0.89 17.69 20.31
N LEU A 263 -0.80 18.85 19.65
CA LEU A 263 -1.94 19.45 19.00
C LEU A 263 -2.52 18.52 17.92
N LYS A 264 -1.65 17.91 17.13
CA LYS A 264 -2.09 17.05 16.03
C LYS A 264 -2.87 15.83 16.54
N GLN A 265 -2.34 15.18 17.56
CA GLN A 265 -2.99 13.99 18.07
C GLN A 265 -4.32 14.30 18.77
N ALA A 266 -4.42 15.48 19.39
CA ALA A 266 -5.70 15.91 20.00
C ALA A 266 -6.74 16.13 18.92
N PHE A 267 -6.37 16.85 17.86
CA PHE A 267 -7.28 16.99 16.72
C PHE A 267 -7.69 15.66 16.08
N ALA A 268 -6.74 14.76 15.93
CA ALA A 268 -6.95 13.49 15.26
C ALA A 268 -7.92 12.62 16.07
N ARG A 269 -7.79 12.65 17.39
CA ARG A 269 -8.77 11.96 18.24
C ARG A 269 -10.15 12.63 18.17
N ALA A 270 -10.22 13.95 18.28
CA ALA A 270 -11.50 14.66 18.20
C ALA A 270 -12.20 14.39 16.88
N ALA A 271 -11.42 14.33 15.79
CA ALA A 271 -11.92 14.08 14.45
C ALA A 271 -12.69 12.76 14.32
N ILE A 272 -12.40 11.81 15.20
CA ILE A 272 -13.05 10.50 15.12
C ILE A 272 -14.57 10.66 15.28
N LEU A 273 -15.00 11.60 16.13
CA LEU A 273 -16.44 11.83 16.38
C LEU A 273 -16.97 13.11 15.73
N SER A 274 -16.26 13.61 14.73
CA SER A 274 -16.76 14.69 13.89
C SER A 274 -17.68 14.14 12.78
N ASN A 275 -18.50 15.00 12.21
CA ASN A 275 -19.29 14.66 11.01
C ASN A 275 -18.40 14.05 9.92
N GLU A 276 -18.81 12.91 9.35
CA GLU A 276 -17.95 12.19 8.38
C GLU A 276 -17.79 12.92 7.04
N LYS A 277 -18.74 13.78 6.70
CA LYS A 277 -18.68 14.57 5.47
C LYS A 277 -18.09 15.96 5.70
N PHE A 278 -18.58 16.64 6.73
CA PHE A 278 -18.24 18.03 6.98
C PHE A 278 -17.07 18.22 7.95
N ARG A 279 -16.82 17.23 8.78
CA ARG A 279 -15.57 17.12 9.57
C ARG A 279 -15.30 18.30 10.52
N GLY A 280 -16.38 18.90 11.01
CA GLY A 280 -16.31 20.10 11.86
C GLY A 280 -15.93 19.83 13.30
N VAL A 281 -14.99 20.63 13.80
CA VAL A 281 -14.66 20.70 15.20
C VAL A 281 -14.69 22.15 15.66
N ARG A 282 -14.78 22.35 16.97
CA ARG A 282 -14.78 23.68 17.58
C ARG A 282 -13.55 23.84 18.47
N LEU A 283 -12.98 25.04 18.44
CA LEU A 283 -11.84 25.39 19.27
C LEU A 283 -12.28 26.49 20.20
N TYR A 284 -12.04 26.30 21.49
CA TYR A 284 -12.24 27.34 22.49
C TYR A 284 -10.88 27.70 23.05
N VAL A 285 -10.47 28.95 22.83
CA VAL A 285 -9.20 29.44 23.31
C VAL A 285 -9.44 30.33 24.53
N SER A 286 -8.67 30.11 25.56
CA SER A 286 -8.74 30.90 26.77
C SER A 286 -7.34 30.91 27.36
N GLU A 287 -7.17 31.58 28.49
CA GLU A 287 -5.84 31.79 29.05
C GLU A 287 -5.04 30.48 29.15
N ASN A 288 -3.96 30.42 28.39
CA ASN A 288 -3.08 29.27 28.34
C ASN A 288 -3.81 27.92 28.21
N GLN A 289 -4.98 27.90 27.58
CA GLN A 289 -5.72 26.65 27.37
C GLN A 289 -6.39 26.60 26.01
N LEU A 290 -6.42 25.41 25.41
CA LEU A 290 -7.23 25.15 24.22
C LEU A 290 -8.14 23.96 24.52
N LYS A 291 -9.42 24.09 24.17
CA LYS A 291 -10.36 23.01 24.23
C LYS A 291 -10.84 22.73 22.80
N ILE A 292 -10.79 21.48 22.38
CA ILE A 292 -11.32 21.07 21.08
C ILE A 292 -12.51 20.18 21.32
N THR A 293 -13.62 20.43 20.65
CA THR A 293 -14.80 19.57 20.79
C THR A 293 -15.24 19.14 19.40
N ALA A 294 -15.88 17.98 19.34
CA ALA A 294 -16.49 17.48 18.12
C ALA A 294 -17.73 16.67 18.47
N ASN A 295 -18.70 16.69 17.57
CA ASN A 295 -19.86 15.84 17.72
C ASN A 295 -20.39 15.48 16.35
N ASN A 296 -21.15 14.41 16.26
CA ASN A 296 -21.67 13.93 14.97
C ASN A 296 -23.21 13.82 15.01
N PRO A 297 -23.85 13.51 13.87
CA PRO A 297 -25.32 13.37 13.87
C PRO A 297 -25.90 12.34 14.85
N GLU A 298 -25.08 11.40 15.33
CA GLU A 298 -25.52 10.45 16.36
C GLU A 298 -25.33 11.00 17.77
N GLN A 299 -24.96 12.27 17.88
CA GLN A 299 -24.71 12.93 19.17
C GLN A 299 -23.61 12.27 20.00
N GLU A 300 -22.66 11.65 19.32
CA GLU A 300 -21.44 11.24 19.99
C GLU A 300 -20.55 12.47 20.12
N GLU A 301 -19.74 12.51 21.18
CA GLU A 301 -19.01 13.73 21.51
C GLU A 301 -17.58 13.45 21.89
N ALA A 302 -16.67 14.25 21.36
CA ALA A 302 -15.28 14.25 21.81
C ALA A 302 -14.95 15.59 22.43
N GLU A 303 -14.11 15.57 23.46
CA GLU A 303 -13.55 16.76 24.05
C GLU A 303 -12.08 16.53 24.39
N GLU A 304 -11.22 17.45 23.93
CA GLU A 304 -9.81 17.47 24.26
C GLU A 304 -9.43 18.81 24.92
N ILE A 305 -8.71 18.77 26.04
CA ILE A 305 -8.19 20.00 26.65
C ILE A 305 -6.66 19.91 26.69
N LEU A 306 -6.00 20.96 26.22
CA LEU A 306 -4.53 21.05 26.16
C LEU A 306 -4.03 22.33 26.82
N ASP A 307 -2.88 22.23 27.46
CA ASP A 307 -2.13 23.41 27.88
C ASP A 307 -1.44 24.03 26.66
N VAL A 308 -1.63 25.32 26.48
CA VAL A 308 -0.94 26.06 25.44
C VAL A 308 -0.44 27.38 26.02
N THR A 309 0.32 28.12 25.23
CA THR A 309 0.73 29.45 25.59
C THR A 309 -0.18 30.40 24.84
N TYR A 310 -1.10 31.02 25.57
CA TYR A 310 -2.04 31.98 25.01
C TYR A 310 -2.39 33.01 26.08
N SER A 311 -2.21 34.30 25.77
CA SER A 311 -2.57 35.38 26.71
C SER A 311 -3.45 36.48 26.10
N GLY A 312 -4.16 36.17 25.01
CA GLY A 312 -5.10 37.10 24.41
C GLY A 312 -6.51 36.89 24.94
N ALA A 313 -7.48 37.51 24.27
CA ALA A 313 -8.89 37.40 24.67
C ALA A 313 -9.44 36.02 24.34
N GLU A 314 -10.46 35.60 25.10
CA GLU A 314 -11.16 34.36 24.80
C GLU A 314 -11.91 34.45 23.47
N MET A 315 -11.94 33.36 22.74
CA MET A 315 -12.75 33.25 21.53
C MET A 315 -12.98 31.81 21.17
N GLU A 316 -13.97 31.60 20.33
CA GLU A 316 -14.30 30.28 19.81
C GLU A 316 -14.29 30.36 18.30
N ILE A 317 -13.97 29.24 17.65
CA ILE A 317 -13.99 29.19 16.19
C ILE A 317 -14.12 27.75 15.74
N GLY A 318 -14.82 27.53 14.63
CA GLY A 318 -15.00 26.20 14.05
C GLY A 318 -14.28 26.00 12.73
N PHE A 319 -13.83 24.76 12.51
CA PHE A 319 -12.99 24.38 11.37
C PHE A 319 -13.24 22.98 10.88
N ASN A 320 -12.99 22.79 9.59
CA ASN A 320 -12.83 21.45 9.04
C ASN A 320 -11.52 20.88 9.60
N VAL A 321 -11.63 19.85 10.44
CA VAL A 321 -10.44 19.32 11.10
C VAL A 321 -9.41 18.70 10.14
N SER A 322 -9.86 18.10 9.04
CA SER A 322 -8.95 17.59 7.99
C SER A 322 -7.99 18.68 7.50
N TYR A 323 -8.50 19.90 7.35
CA TYR A 323 -7.66 20.99 6.88
C TYR A 323 -6.58 21.30 7.90
N VAL A 324 -6.95 21.26 9.17
CA VAL A 324 -5.98 21.55 10.20
C VAL A 324 -4.96 20.42 10.31
N LEU A 325 -5.43 19.17 10.29
CA LEU A 325 -4.52 18.01 10.32
C LEU A 325 -3.54 18.03 9.16
N ASP A 326 -4.04 18.34 7.96
CA ASP A 326 -3.17 18.49 6.79
C ASP A 326 -2.01 19.46 7.04
N VAL A 327 -2.30 20.62 7.65
CA VAL A 327 -1.23 21.57 7.99
C VAL A 327 -0.22 21.04 8.99
N LEU A 328 -0.73 20.43 10.06
CA LEU A 328 0.14 19.98 11.16
C LEU A 328 1.03 18.81 10.69
N ASN A 329 0.52 18.01 9.77
CA ASN A 329 1.29 16.92 9.19
C ASN A 329 2.32 17.39 8.19
N ALA A 330 2.06 18.54 7.57
CA ALA A 330 2.99 19.14 6.62
C ALA A 330 4.15 19.83 7.34
N LEU A 331 3.91 20.27 8.58
CA LEU A 331 4.86 21.18 9.25
C LEU A 331 6.20 20.62 9.72
N LYS A 332 6.24 19.40 10.25
CA LYS A 332 7.53 18.78 10.66
C LYS A 332 8.39 19.66 11.60
N CYS A 333 7.83 20.02 12.75
CA CYS A 333 8.53 20.90 13.68
C CYS A 333 8.06 20.69 15.11
N GLU A 334 8.79 21.27 16.07
CA GLU A 334 8.49 21.04 17.48
C GLU A 334 7.19 21.75 17.94
N ASN A 335 7.09 23.02 17.61
CA ASN A 335 5.98 23.86 18.04
C ASN A 335 5.35 24.64 16.90
N VAL A 336 4.05 24.87 17.04
CA VAL A 336 3.31 25.60 16.04
C VAL A 336 2.70 26.83 16.69
N ARG A 337 2.61 27.90 15.89
CA ARG A 337 1.90 29.12 16.25
C ARG A 337 0.58 29.19 15.46
N MET A 338 -0.52 29.38 16.18
CA MET A 338 -1.83 29.62 15.56
C MET A 338 -2.17 31.10 15.79
N MET A 339 -2.56 31.78 14.72
CA MET A 339 -2.73 33.21 14.75
C MET A 339 -4.16 33.51 14.36
N LEU A 340 -4.90 34.06 15.32
CA LEU A 340 -6.36 34.16 15.24
C LEU A 340 -6.81 35.60 15.21
N THR A 341 -7.99 35.81 14.64
CA THR A 341 -8.56 37.13 14.49
C THR A 341 -9.89 37.17 15.24
N ASP A 342 -10.88 36.40 14.77
CA ASP A 342 -12.18 36.26 15.42
C ASP A 342 -12.89 35.01 14.91
N SER A 343 -14.12 34.78 15.39
CA SER A 343 -14.86 33.55 15.12
C SER A 343 -15.29 33.36 13.66
N VAL A 344 -15.30 34.43 12.87
CA VAL A 344 -15.76 34.35 11.47
C VAL A 344 -14.63 34.70 10.49
N SER A 345 -13.39 34.62 10.97
CA SER A 345 -12.23 34.90 10.13
C SER A 345 -11.27 33.71 10.08
N SER A 346 -10.43 33.67 9.06
CA SER A 346 -9.51 32.55 8.88
C SER A 346 -8.48 32.49 9.99
N VAL A 347 -7.86 31.32 10.15
CA VAL A 347 -6.69 31.21 11.03
C VAL A 347 -5.44 31.02 10.18
N GLN A 348 -4.33 31.56 10.67
CA GLN A 348 -3.03 31.39 10.08
C GLN A 348 -2.24 30.50 11.02
N ILE A 349 -1.48 29.57 10.46
CA ILE A 349 -0.74 28.58 11.21
C ILE A 349 0.68 28.59 10.65
N GLU A 350 1.68 28.62 11.54
CA GLU A 350 3.10 28.55 11.14
C GLU A 350 3.89 27.71 12.13
N ASP A 351 5.09 27.27 11.70
CA ASP A 351 6.09 26.74 12.61
C ASP A 351 6.45 27.88 13.55
N ALA A 352 6.47 27.61 14.85
CA ALA A 352 6.81 28.64 15.83
C ALA A 352 8.20 29.22 15.60
N ALA A 353 9.08 28.39 15.04
CA ALA A 353 10.47 28.76 14.80
C ALA A 353 10.80 29.25 13.39
N SER A 354 9.84 29.25 12.46
CA SER A 354 10.12 29.74 11.11
C SER A 354 8.90 30.35 10.41
N GLN A 355 9.13 31.49 9.78
CA GLN A 355 8.11 32.23 9.05
C GLN A 355 8.13 31.91 7.55
N SER A 356 8.97 30.94 7.14
CA SER A 356 9.21 30.61 5.72
C SER A 356 7.99 30.02 5.01
N ALA A 357 7.09 29.46 5.82
CA ALA A 357 5.83 28.94 5.31
C ALA A 357 4.69 29.44 6.19
N ALA A 358 3.53 29.62 5.56
CA ALA A 358 2.33 30.01 6.29
C ALA A 358 1.13 29.29 5.68
N TYR A 359 0.17 28.96 6.54
CA TYR A 359 -1.00 28.20 6.15
C TYR A 359 -2.23 28.95 6.59
N VAL A 360 -3.26 28.98 5.74
CA VAL A 360 -4.46 29.69 6.08
C VAL A 360 -5.63 28.76 5.88
N VAL A 361 -6.46 28.62 6.92
CA VAL A 361 -7.66 27.80 6.86
C VAL A 361 -8.90 28.66 7.13
N MET A 362 -9.91 28.56 6.27
CA MET A 362 -11.16 29.29 6.47
CA MET A 362 -11.18 29.25 6.42
C MET A 362 -11.95 28.68 7.62
N PRO A 363 -12.70 29.53 8.36
CA PRO A 363 -13.54 29.00 9.42
C PRO A 363 -14.79 28.35 8.82
N MET A 364 -15.48 27.54 9.59
CA MET A 364 -16.63 26.82 9.10
C MET A 364 -17.87 27.22 9.90
N MET B 1 -21.30 -1.00 34.61
CA MET B 1 -20.04 -1.53 34.01
C MET B 1 -18.94 -0.49 34.06
N LYS B 2 -17.79 -0.85 34.61
CA LYS B 2 -16.68 0.08 34.67
C LYS B 2 -15.38 -0.70 34.66
N PHE B 3 -14.41 -0.20 33.91
CA PHE B 3 -13.05 -0.71 33.97
C PHE B 3 -12.08 0.37 33.60
N THR B 4 -10.85 0.20 34.06
CA THR B 4 -9.74 1.04 33.69
C THR B 4 -8.62 0.10 33.29
N VAL B 5 -8.17 0.23 32.03
CA VAL B 5 -7.18 -0.70 31.45
C VAL B 5 -6.13 0.13 30.68
N GLU B 6 -4.88 -0.31 30.72
CA GLU B 6 -3.81 0.31 29.94
C GLU B 6 -4.12 0.18 28.45
N ARG B 7 -3.83 1.24 27.70
CA ARG B 7 -4.04 1.25 26.27
C ARG B 7 -3.51 -0.01 25.61
N GLU B 8 -2.26 -0.36 25.92
CA GLU B 8 -1.59 -1.45 25.17
C GLU B 8 -2.21 -2.80 25.46
N HIS B 9 -2.92 -2.94 26.58
CA HIS B 9 -3.59 -4.19 26.93
C HIS B 9 -4.88 -4.34 26.15
N LEU B 10 -5.35 -3.25 25.53
CA LEU B 10 -6.57 -3.27 24.74
C LEU B 10 -6.31 -3.39 23.23
N LEU B 11 -5.12 -2.99 22.77
CA LEU B 11 -4.87 -2.92 21.34
C LEU B 11 -4.92 -4.25 20.58
N LYS B 12 -4.22 -5.28 21.04
CA LYS B 12 -4.26 -6.57 20.37
C LYS B 12 -5.64 -7.20 20.42
N PRO B 13 -6.28 -7.22 21.62
CA PRO B 13 -7.67 -7.66 21.68
C PRO B 13 -8.57 -6.95 20.66
N LEU B 14 -8.49 -5.62 20.59
CA LEU B 14 -9.29 -4.87 19.65
C LEU B 14 -9.02 -5.22 18.19
N GLN B 15 -7.75 -5.41 17.82
CA GLN B 15 -7.45 -5.81 16.45
C GLN B 15 -8.06 -7.18 16.13
N GLN B 16 -7.98 -8.12 17.08
CA GLN B 16 -8.52 -9.46 16.83
C GLN B 16 -10.04 -9.49 16.69
N VAL B 17 -10.74 -8.69 17.48
CA VAL B 17 -12.22 -8.69 17.43
C VAL B 17 -12.81 -7.77 16.35
N SER B 18 -11.95 -6.97 15.72
CA SER B 18 -12.40 -6.09 14.64
C SER B 18 -12.37 -6.76 13.28
N GLY B 19 -13.33 -6.39 12.44
CA GLY B 19 -13.41 -6.89 11.07
C GLY B 19 -12.43 -6.21 10.14
N LEU B 27 -26.50 -5.28 9.46
CA LEU B 27 -27.09 -4.81 10.71
C LEU B 27 -26.06 -4.09 11.58
N PRO B 28 -26.41 -2.87 12.06
CA PRO B 28 -25.45 -2.04 12.80
C PRO B 28 -24.74 -2.72 13.97
N ILE B 29 -25.44 -3.57 14.71
CA ILE B 29 -24.83 -4.17 15.90
C ILE B 29 -23.62 -5.06 15.53
N LEU B 30 -23.57 -5.55 14.29
CA LEU B 30 -22.38 -6.29 13.81
C LEU B 30 -21.16 -5.40 13.70
N GLY B 31 -21.38 -4.09 13.72
CA GLY B 31 -20.30 -3.12 13.69
C GLY B 31 -19.89 -2.71 15.08
N ASN B 32 -20.52 -3.29 16.09
CA ASN B 32 -20.14 -3.05 17.48
C ASN B 32 -19.40 -4.22 18.08
N LEU B 33 -18.73 -3.95 19.18
CA LEU B 33 -18.13 -4.98 19.98
C LEU B 33 -18.95 -5.12 21.25
N LEU B 34 -19.24 -6.34 21.64
CA LEU B 34 -19.75 -6.64 22.97
C LEU B 34 -18.63 -6.54 23.98
N LEU B 35 -18.86 -5.75 25.04
CA LEU B 35 -17.93 -5.65 26.15
C LEU B 35 -18.59 -6.20 27.41
N GLN B 36 -17.92 -7.11 28.11
CA GLN B 36 -18.48 -7.71 29.33
C GLN B 36 -17.44 -7.67 30.43
N VAL B 37 -17.80 -7.09 31.58
CA VAL B 37 -16.98 -7.16 32.78
C VAL B 37 -17.64 -8.20 33.69
N ALA B 38 -16.90 -9.26 33.99
CA ALA B 38 -17.36 -10.37 34.82
C ALA B 38 -16.14 -11.08 35.44
N ASP B 39 -16.24 -11.44 36.73
CA ASP B 39 -15.22 -12.22 37.43
C ASP B 39 -13.75 -11.82 37.13
N GLY B 40 -13.45 -10.52 37.23
CA GLY B 40 -12.08 -10.00 37.09
C GLY B 40 -11.57 -9.90 35.65
N THR B 41 -12.46 -10.02 34.69
CA THR B 41 -12.07 -10.15 33.28
C THR B 41 -12.94 -9.24 32.40
N LEU B 42 -12.30 -8.55 31.47
CA LEU B 42 -13.01 -7.88 30.40
C LEU B 42 -12.97 -8.81 29.19
N SER B 43 -14.14 -9.13 28.66
CA SER B 43 -14.29 -9.91 27.45
C SER B 43 -14.80 -9.01 26.33
N LEU B 44 -14.16 -9.10 25.16
CA LEU B 44 -14.57 -8.35 23.98
C LEU B 44 -14.93 -9.32 22.89
N THR B 45 -16.09 -9.15 22.27
CA THR B 45 -16.51 -10.07 21.24
C THR B 45 -16.86 -9.27 20.00
N GLY B 46 -16.36 -9.73 18.86
CA GLY B 46 -16.85 -9.30 17.56
C GLY B 46 -17.41 -10.46 16.77
N THR B 47 -18.37 -10.18 15.90
CA THR B 47 -18.98 -11.21 15.07
C THR B 47 -19.50 -10.63 13.76
N ASP B 48 -19.53 -11.44 12.71
CA ASP B 48 -20.27 -11.15 11.46
C ASP B 48 -21.40 -12.17 11.17
N LEU B 49 -21.83 -12.88 12.22
CA LEU B 49 -22.79 -14.02 12.13
C LEU B 49 -22.28 -15.32 11.48
N GLU B 50 -21.20 -15.25 10.71
CA GLU B 50 -20.56 -16.46 10.16
C GLU B 50 -19.47 -16.96 11.10
N MET B 51 -18.83 -15.99 11.75
CA MET B 51 -17.76 -16.28 12.67
C MET B 51 -17.68 -15.21 13.73
N GLU B 52 -16.92 -15.51 14.78
CA GLU B 52 -16.86 -14.75 16.00
C GLU B 52 -15.47 -14.84 16.64
N MET B 53 -15.02 -13.75 17.23
CA MET B 53 -13.80 -13.74 18.03
C MET B 53 -14.07 -13.20 19.42
N VAL B 54 -13.57 -13.91 20.43
CA VAL B 54 -13.66 -13.45 21.82
C VAL B 54 -12.28 -13.25 22.43
N ALA B 55 -12.01 -12.04 22.90
CA ALA B 55 -10.73 -11.76 23.53
C ALA B 55 -10.95 -11.44 24.98
N ARG B 56 -10.11 -12.04 25.84
CA ARG B 56 -10.19 -11.77 27.28
C ARG B 56 -9.01 -10.94 27.76
N VAL B 57 -9.31 -9.99 28.64
CA VAL B 57 -8.30 -9.14 29.24
C VAL B 57 -8.50 -9.18 30.77
N ALA B 58 -7.43 -9.42 31.52
CA ALA B 58 -7.52 -9.48 32.96
C ALA B 58 -7.60 -8.06 33.51
N LEU B 59 -8.45 -7.84 34.51
CA LEU B 59 -8.66 -6.52 35.08
C LEU B 59 -8.03 -6.40 36.46
N VAL B 60 -6.87 -5.75 36.54
CA VAL B 60 -6.12 -5.62 37.80
C VAL B 60 -6.49 -4.35 38.56
N GLN B 61 -7.15 -3.42 37.88
CA GLN B 61 -7.56 -2.18 38.50
C GLN B 61 -9.03 -2.34 38.86
N PRO B 62 -9.53 -1.48 39.77
CA PRO B 62 -10.92 -1.58 40.21
C PRO B 62 -11.89 -1.62 39.05
N HIS B 63 -12.95 -2.41 39.19
CA HIS B 63 -13.92 -2.55 38.12
C HIS B 63 -15.29 -2.91 38.69
N GLU B 64 -16.29 -2.75 37.83
CA GLU B 64 -17.69 -3.00 38.17
CA GLU B 64 -17.66 -3.03 38.19
C GLU B 64 -18.28 -3.83 37.05
N PRO B 65 -19.07 -4.87 37.40
CA PRO B 65 -19.62 -5.75 36.38
C PRO B 65 -20.70 -5.11 35.50
N GLY B 66 -20.91 -5.73 34.34
CA GLY B 66 -21.95 -5.35 33.41
C GLY B 66 -21.51 -5.54 31.99
N ALA B 67 -22.41 -5.25 31.04
CA ALA B 67 -22.14 -5.48 29.63
C ALA B 67 -22.86 -4.48 28.73
N THR B 68 -22.20 -4.11 27.63
CA THR B 68 -22.80 -3.27 26.58
C THR B 68 -22.13 -3.55 25.24
N THR B 69 -22.62 -2.93 24.18
CA THR B 69 -21.94 -2.97 22.88
C THR B 69 -21.65 -1.53 22.42
N VAL B 70 -20.51 -1.37 21.75
CA VAL B 70 -19.98 -0.06 21.37
C VAL B 70 -19.45 -0.13 19.93
N PRO B 71 -19.59 0.97 19.15
CA PRO B 71 -19.03 0.95 17.78
C PRO B 71 -17.55 0.52 17.73
N ALA B 72 -17.24 -0.50 16.93
CA ALA B 72 -15.91 -1.13 16.98
C ALA B 72 -14.81 -0.21 16.47
N ARG B 73 -14.99 0.30 15.28
CA ARG B 73 -13.96 1.12 14.63
C ARG B 73 -13.68 2.42 15.41
N LYS B 74 -14.71 3.07 15.90
CA LYS B 74 -14.53 4.32 16.66
C LYS B 74 -13.82 4.03 17.98
N PHE B 75 -14.25 2.98 18.68
CA PHE B 75 -13.63 2.64 19.96
C PHE B 75 -12.17 2.25 19.74
N PHE B 76 -11.90 1.46 18.69
CA PHE B 76 -10.51 1.09 18.36
C PHE B 76 -9.69 2.34 18.05
N ASP B 77 -10.22 3.18 17.18
CA ASP B 77 -9.50 4.37 16.74
C ASP B 77 -9.23 5.34 17.89
N ILE B 78 -10.17 5.48 18.84
CA ILE B 78 -9.94 6.29 20.04
C ILE B 78 -8.81 5.71 20.90
N CYS B 79 -8.87 4.41 21.20
CA CYS B 79 -7.82 3.79 22.01
C CYS B 79 -6.44 3.90 21.32
N ARG B 80 -6.38 3.64 20.02
CA ARG B 80 -5.13 3.68 19.26
C ARG B 80 -4.58 5.11 19.21
N GLY B 81 -5.50 6.06 19.15
CA GLY B 81 -5.14 7.47 19.07
C GLY B 81 -4.72 8.11 20.37
N LEU B 82 -4.98 7.45 21.50
CA LEU B 82 -4.48 7.95 22.78
C LEU B 82 -2.99 7.70 22.91
N PRO B 83 -2.31 8.46 23.78
CA PRO B 83 -0.86 8.33 23.87
C PRO B 83 -0.40 6.98 24.44
N GLU B 84 0.82 6.58 24.10
CA GLU B 84 1.32 5.28 24.53
C GLU B 84 1.35 5.22 26.06
N GLY B 85 0.87 4.10 26.60
CA GLY B 85 0.80 3.92 28.05
C GLY B 85 -0.37 4.60 28.73
N ALA B 86 -1.28 5.19 27.96
CA ALA B 86 -2.44 5.89 28.56
C ALA B 86 -3.28 4.88 29.32
N GLU B 87 -3.85 5.33 30.44
CA GLU B 87 -4.87 4.55 31.15
C GLU B 87 -6.21 4.96 30.60
N ILE B 88 -7.03 3.98 30.25
CA ILE B 88 -8.31 4.22 29.60
C ILE B 88 -9.45 3.77 30.53
N ALA B 89 -10.17 4.77 31.03
CA ALA B 89 -11.24 4.55 31.99
C ALA B 89 -12.55 4.56 31.24
N VAL B 90 -13.29 3.47 31.39
CA VAL B 90 -14.54 3.28 30.67
C VAL B 90 -15.67 3.05 31.66
N GLN B 91 -16.76 3.79 31.49
CA GLN B 91 -17.96 3.57 32.29
C GLN B 91 -19.21 3.75 31.43
N LEU B 92 -20.26 3.01 31.79
CA LEU B 92 -21.59 3.17 31.18
C LEU B 92 -22.29 4.35 31.85
N GLU B 93 -22.95 5.17 31.06
CA GLU B 93 -23.73 6.29 31.57
C GLU B 93 -24.96 6.46 30.69
N GLY B 94 -26.10 6.00 31.20
CA GLY B 94 -27.33 6.06 30.45
C GLY B 94 -27.21 5.22 29.19
N GLU B 95 -27.53 5.82 28.05
CA GLU B 95 -27.42 5.14 26.78
C GLU B 95 -26.05 5.31 26.11
N ARG B 96 -25.08 5.88 26.82
CA ARG B 96 -23.75 6.17 26.22
C ARG B 96 -22.66 5.40 26.92
N MET B 97 -21.53 5.25 26.24
CA MET B 97 -20.36 4.72 26.88
C MET B 97 -19.31 5.82 26.97
N LEU B 98 -18.89 6.12 28.19
CA LEU B 98 -17.90 7.17 28.40
C LEU B 98 -16.49 6.57 28.38
N VAL B 99 -15.61 7.22 27.65
CA VAL B 99 -14.19 6.85 27.60
C VAL B 99 -13.36 8.05 27.99
N ARG B 100 -12.57 7.90 29.05
CA ARG B 100 -11.74 8.99 29.58
CA ARG B 100 -11.73 8.99 29.54
C ARG B 100 -10.30 8.55 29.75
N SER B 101 -9.38 9.43 29.36
CA SER B 101 -7.96 9.24 29.56
C SER B 101 -7.34 10.63 29.54
N GLY B 102 -6.59 10.98 30.57
CA GLY B 102 -6.04 12.31 30.74
C GLY B 102 -7.15 13.32 30.64
N ARG B 103 -6.99 14.34 29.80
CA ARG B 103 -8.06 15.31 29.56
C ARG B 103 -8.70 15.09 28.18
N SER B 104 -8.76 13.84 27.76
CA SER B 104 -9.50 13.44 26.56
C SER B 104 -10.75 12.71 26.99
N ARG B 105 -11.92 13.13 26.51
CA ARG B 105 -13.19 12.51 26.87
C ARG B 105 -14.01 12.20 25.65
N PHE B 106 -14.69 11.05 25.67
CA PHE B 106 -15.46 10.58 24.54
C PHE B 106 -16.75 9.95 25.03
N SER B 107 -17.84 10.26 24.34
CA SER B 107 -19.13 9.69 24.61
C SER B 107 -19.56 8.96 23.36
N LEU B 108 -19.70 7.63 23.46
CA LEU B 108 -20.04 6.80 22.34
C LEU B 108 -21.44 6.24 22.50
N SER B 109 -22.14 6.07 21.39
CA SER B 109 -23.45 5.47 21.42
C SER B 109 -23.27 4.00 21.76
N THR B 110 -24.29 3.40 22.35
CA THR B 110 -24.28 1.97 22.60
C THR B 110 -25.52 1.28 22.03
N LEU B 111 -25.40 -0.04 21.84
CA LEU B 111 -26.54 -0.92 21.63
C LEU B 111 -26.54 -1.98 22.72
N PRO B 112 -27.73 -2.47 23.09
CA PRO B 112 -27.83 -3.39 24.23
C PRO B 112 -27.10 -4.69 24.01
N ALA B 113 -26.38 -5.14 25.04
CA ALA B 113 -25.72 -6.44 25.03
C ALA B 113 -26.72 -7.60 24.77
N ALA B 114 -27.95 -7.44 25.24
CA ALA B 114 -29.02 -8.40 24.99
C ALA B 114 -29.25 -8.69 23.50
N ASP B 115 -28.99 -7.70 22.65
CA ASP B 115 -29.20 -7.83 21.21
C ASP B 115 -27.98 -8.33 20.45
N PHE B 116 -26.88 -8.56 21.15
CA PHE B 116 -25.67 -9.04 20.46
C PHE B 116 -25.88 -10.50 20.08
N PRO B 117 -25.76 -10.83 18.78
CA PRO B 117 -26.05 -12.18 18.30
C PRO B 117 -24.98 -13.21 18.66
N ASN B 118 -25.44 -14.42 18.99
CA ASN B 118 -24.58 -15.56 19.27
C ASN B 118 -24.66 -16.56 18.16
N LEU B 119 -23.58 -17.28 17.94
CA LEU B 119 -23.61 -18.47 17.10
C LEU B 119 -24.41 -19.53 17.84
N ASP B 120 -25.07 -20.41 17.07
CA ASP B 120 -25.85 -21.50 17.67
C ASP B 120 -24.91 -22.38 18.49
N ASP B 121 -25.45 -22.95 19.58
CA ASP B 121 -24.69 -23.86 20.42
C ASP B 121 -24.38 -25.11 19.60
N TRP B 122 -23.28 -25.79 19.90
CA TRP B 122 -22.87 -26.98 19.17
C TRP B 122 -21.94 -27.83 20.03
N GLN B 123 -21.65 -29.04 19.57
CA GLN B 123 -20.82 -29.98 20.31
C GLN B 123 -19.53 -30.29 19.55
N SER B 124 -18.45 -30.37 20.31
CA SER B 124 -17.15 -30.70 19.77
C SER B 124 -17.03 -32.20 19.57
N GLU B 125 -16.65 -32.60 18.36
CA GLU B 125 -16.55 -34.00 17.93
CA GLU B 125 -16.54 -34.01 18.03
C GLU B 125 -15.11 -34.48 17.77
N VAL B 126 -14.25 -33.59 17.25
CA VAL B 126 -12.85 -33.88 16.97
C VAL B 126 -11.99 -32.77 17.58
N GLU B 127 -10.91 -33.12 18.28
CA GLU B 127 -10.09 -32.11 18.94
C GLU B 127 -8.63 -32.46 18.88
N PHE B 128 -7.80 -31.45 18.76
CA PHE B 128 -6.37 -31.64 18.85
C PHE B 128 -5.66 -30.34 19.21
N THR B 129 -4.44 -30.51 19.71
CA THR B 129 -3.57 -29.40 20.04
C THR B 129 -2.34 -29.48 19.15
N LEU B 130 -1.91 -28.33 18.67
CA LEU B 130 -0.67 -28.24 17.92
C LEU B 130 0.01 -26.86 18.13
N PRO B 131 1.34 -26.80 17.91
CA PRO B 131 2.00 -25.50 17.92
C PRO B 131 1.38 -24.52 16.92
N GLN B 132 1.28 -23.26 17.30
CA GLN B 132 0.74 -22.26 16.38
C GLN B 132 1.55 -22.20 15.11
N ALA B 133 2.88 -22.33 15.21
CA ALA B 133 3.73 -22.22 14.02
C ALA B 133 3.38 -23.30 13.00
N THR B 134 2.88 -24.44 13.48
CA THR B 134 2.52 -25.54 12.60
C THR B 134 1.24 -25.21 11.85
N MET B 135 0.25 -24.65 12.54
CA MET B 135 -0.95 -24.17 11.84
C MET B 135 -0.62 -23.03 10.88
N LYS B 136 0.26 -22.12 11.28
CA LYS B 136 0.67 -21.04 10.39
C LYS B 136 1.26 -21.57 9.10
N ARG B 137 2.16 -22.55 9.24
CA ARG B 137 2.80 -23.19 8.08
C ARG B 137 1.72 -23.78 7.17
N LEU B 138 0.82 -24.57 7.76
CA LEU B 138 -0.22 -25.23 6.98
C LEU B 138 -1.06 -24.25 6.16
N ILE B 139 -1.43 -23.13 6.78
CA ILE B 139 -2.31 -22.18 6.12
C ILE B 139 -1.55 -21.38 5.04
N GLU B 140 -0.41 -20.82 5.42
CA GLU B 140 0.45 -20.06 4.49
C GLU B 140 0.81 -20.85 3.25
N ALA B 141 1.07 -22.14 3.43
CA ALA B 141 1.51 -22.99 2.34
C ALA B 141 0.46 -23.04 1.25
N THR B 142 -0.80 -22.88 1.62
CA THR B 142 -1.91 -23.18 0.70
C THR B 142 -2.91 -22.04 0.45
N GLN B 143 -2.93 -21.05 1.31
CA GLN B 143 -3.98 -20.01 1.35
C GLN B 143 -4.18 -19.37 -0.02
N PHE B 144 -3.09 -19.05 -0.69
CA PHE B 144 -3.15 -18.41 -2.01
C PHE B 144 -3.93 -19.14 -3.11
N SER B 145 -4.15 -20.45 -2.97
CA SER B 145 -4.83 -21.22 -4.01
C SER B 145 -6.32 -21.37 -3.76
N MET B 146 -6.87 -20.77 -2.70
CA MET B 146 -8.32 -20.81 -2.47
C MET B 146 -9.02 -20.00 -3.53
N ALA B 147 -10.23 -20.44 -3.93
CA ALA B 147 -11.03 -19.64 -4.83
C ALA B 147 -11.54 -18.39 -4.13
N HIS B 148 -11.89 -17.39 -4.96
CA HIS B 148 -12.51 -16.11 -4.55
C HIS B 148 -13.91 -15.98 -5.17
N GLN B 149 -14.94 -16.05 -4.35
CA GLN B 149 -16.31 -15.75 -4.78
C GLN B 149 -16.74 -16.54 -6.02
N ASP B 150 -16.25 -17.77 -6.12
CA ASP B 150 -16.61 -18.67 -7.23
C ASP B 150 -18.02 -19.23 -7.02
N VAL B 151 -18.71 -19.57 -8.11
CA VAL B 151 -20.04 -20.20 -7.99
C VAL B 151 -19.98 -21.52 -7.24
N ARG B 152 -18.89 -22.28 -7.45
CA ARG B 152 -18.63 -23.46 -6.63
C ARG B 152 -18.18 -22.98 -5.25
N TYR B 153 -19.18 -22.69 -4.41
CA TYR B 153 -19.04 -22.08 -3.10
C TYR B 153 -18.10 -22.84 -2.15
N TYR B 154 -18.03 -24.16 -2.32
CA TYR B 154 -17.14 -25.04 -1.53
C TYR B 154 -15.64 -24.88 -1.82
N LEU B 155 -15.27 -24.13 -2.87
CA LEU B 155 -13.84 -23.81 -3.13
C LEU B 155 -13.39 -22.49 -2.49
N ASN B 156 -14.35 -21.71 -1.97
CA ASN B 156 -14.07 -20.42 -1.36
C ASN B 156 -13.69 -20.61 0.11
N GLY B 157 -12.66 -21.39 0.33
CA GLY B 157 -12.30 -21.83 1.67
C GLY B 157 -11.22 -22.86 1.55
N MET B 158 -10.85 -23.47 2.68
CA MET B 158 -9.72 -24.38 2.74
C MET B 158 -10.15 -25.67 3.42
N LEU B 159 -9.78 -26.81 2.84
CA LEU B 159 -10.06 -28.10 3.46
C LEU B 159 -9.07 -28.28 4.62
N PHE B 160 -9.59 -28.67 5.79
CA PHE B 160 -8.76 -29.17 6.88
C PHE B 160 -9.09 -30.64 7.10
N GLU B 161 -8.08 -31.48 6.91
CA GLU B 161 -8.23 -32.92 6.94
C GLU B 161 -7.30 -33.51 7.99
N THR B 162 -7.87 -34.31 8.88
CA THR B 162 -7.10 -35.15 9.78
C THR B 162 -7.04 -36.59 9.25
N GLU B 163 -5.87 -37.20 9.38
CA GLU B 163 -5.67 -38.60 9.02
C GLU B 163 -4.46 -39.13 9.77
N GLY B 164 -4.59 -40.27 10.44
CA GLY B 164 -3.49 -40.80 11.26
C GLY B 164 -3.08 -39.79 12.32
N GLU B 165 -1.81 -39.39 12.29
CA GLU B 165 -1.32 -38.37 13.16
C GLU B 165 -1.02 -37.04 12.43
N GLU B 166 -1.58 -36.84 11.23
CA GLU B 166 -1.32 -35.66 10.39
CA GLU B 166 -1.30 -35.61 10.50
C GLU B 166 -2.52 -34.73 10.28
N LEU B 167 -2.27 -33.43 10.21
CA LEU B 167 -3.26 -32.46 9.81
C LEU B 167 -2.79 -31.98 8.43
N ARG B 168 -3.74 -31.89 7.52
CA ARG B 168 -3.48 -31.48 6.15
C ARG B 168 -4.44 -30.35 5.75
N THR B 169 -3.93 -29.38 5.00
CA THR B 169 -4.77 -28.37 4.37
C THR B 169 -4.68 -28.54 2.86
N VAL B 170 -5.82 -28.33 2.20
CA VAL B 170 -5.90 -28.32 0.73
C VAL B 170 -6.64 -27.06 0.30
N ALA B 171 -6.13 -26.39 -0.74
CA ALA B 171 -6.79 -25.26 -1.35
C ALA B 171 -6.69 -25.40 -2.86
N THR B 172 -7.82 -25.21 -3.53
CA THR B 172 -7.86 -25.15 -4.99
C THR B 172 -8.96 -24.20 -5.46
N ASP B 173 -8.71 -23.56 -6.62
CA ASP B 173 -9.66 -22.64 -7.21
C ASP B 173 -10.28 -23.28 -8.46
N GLY B 174 -10.01 -24.56 -8.67
CA GLY B 174 -10.48 -25.29 -9.84
C GLY B 174 -9.48 -25.33 -10.98
N HIS B 175 -8.34 -24.68 -10.80
CA HIS B 175 -7.31 -24.57 -11.84
C HIS B 175 -5.98 -25.02 -11.34
N ARG B 176 -5.58 -24.52 -10.19
CA ARG B 176 -4.36 -24.94 -9.54
C ARG B 176 -4.66 -25.34 -8.11
N LEU B 177 -3.81 -26.19 -7.55
CA LEU B 177 -4.06 -26.82 -6.24
C LEU B 177 -2.82 -26.68 -5.37
N ALA B 178 -3.03 -26.51 -4.06
CA ALA B 178 -1.94 -26.52 -3.08
C ALA B 178 -2.35 -27.48 -1.96
N VAL B 179 -1.40 -28.26 -1.46
CA VAL B 179 -1.65 -29.17 -0.35
C VAL B 179 -0.44 -29.14 0.58
N CYS B 180 -0.71 -29.14 1.88
CA CYS B 180 0.36 -29.20 2.87
C CYS B 180 -0.07 -30.13 4.01
N SER B 181 0.82 -31.03 4.42
CA SER B 181 0.55 -31.96 5.52
C SER B 181 1.68 -31.88 6.53
N MET B 182 1.33 -31.97 7.81
CA MET B 182 2.28 -31.92 8.91
C MET B 182 1.87 -32.90 10.01
N PRO B 183 2.83 -33.67 10.55
CA PRO B 183 2.51 -34.56 11.66
C PRO B 183 2.36 -33.73 12.93
N ILE B 184 1.36 -34.06 13.74
CA ILE B 184 1.12 -33.32 14.98
C ILE B 184 1.16 -34.18 16.25
N GLY B 185 1.52 -35.46 16.12
CA GLY B 185 1.86 -36.27 17.29
C GLY B 185 0.66 -36.67 18.14
N GLN B 186 -0.49 -36.85 17.49
CA GLN B 186 -1.71 -37.30 18.16
C GLN B 186 -2.47 -38.17 17.19
N SER B 187 -2.98 -39.30 17.67
CA SER B 187 -3.86 -40.16 16.88
C SER B 187 -5.21 -39.47 16.63
N LEU B 188 -5.57 -39.30 15.36
CA LEU B 188 -6.75 -38.53 15.01
C LEU B 188 -7.72 -39.41 14.23
N PRO B 189 -9.01 -39.09 14.29
CA PRO B 189 -9.96 -39.71 13.40
C PRO B 189 -9.71 -39.23 11.98
N SER B 190 -10.15 -39.99 11.00
CA SER B 190 -10.12 -39.54 9.62
C SER B 190 -11.34 -38.67 9.41
N HIS B 191 -11.10 -37.40 9.09
CA HIS B 191 -12.16 -36.40 9.13
C HIS B 191 -11.74 -35.26 8.22
N SER B 192 -12.70 -34.60 7.57
CA SER B 192 -12.35 -33.34 6.91
C SER B 192 -13.50 -32.34 6.88
N VAL B 193 -13.13 -31.07 6.87
CA VAL B 193 -14.07 -29.98 6.89
C VAL B 193 -13.54 -28.83 6.07
N ILE B 194 -14.45 -27.98 5.63
CA ILE B 194 -14.10 -26.79 4.87
C ILE B 194 -14.32 -25.55 5.69
N VAL B 195 -13.27 -24.75 5.82
CA VAL B 195 -13.32 -23.51 6.57
C VAL B 195 -13.47 -22.40 5.53
N PRO B 196 -14.47 -21.52 5.67
CA PRO B 196 -14.63 -20.41 4.70
C PRO B 196 -13.42 -19.51 4.63
N ARG B 197 -13.16 -19.01 3.42
CA ARG B 197 -12.10 -18.02 3.13
C ARG B 197 -11.81 -17.03 4.25
N LYS B 198 -12.85 -16.31 4.66
CA LYS B 198 -12.71 -15.24 5.63
C LYS B 198 -12.28 -15.78 6.99
N GLY B 199 -12.76 -16.99 7.29
CA GLY B 199 -12.41 -17.69 8.52
C GLY B 199 -10.94 -18.08 8.54
N VAL B 200 -10.46 -18.57 7.40
CA VAL B 200 -9.04 -18.91 7.27
C VAL B 200 -8.18 -17.67 7.57
N ILE B 201 -8.56 -16.58 6.95
CA ILE B 201 -7.83 -15.34 7.09
C ILE B 201 -7.84 -14.84 8.53
N GLU B 202 -8.99 -14.89 9.18
CA GLU B 202 -9.11 -14.45 10.58
C GLU B 202 -8.34 -15.39 11.52
N LEU B 203 -8.46 -16.69 11.29
CA LEU B 203 -7.67 -17.68 12.03
C LEU B 203 -6.20 -17.35 11.91
N MET B 204 -5.75 -17.14 10.68
CA MET B 204 -4.35 -16.85 10.43
C MET B 204 -3.88 -15.61 11.21
N ARG B 205 -4.72 -14.57 11.22
CA ARG B 205 -4.41 -13.32 11.91
C ARG B 205 -4.34 -13.48 13.45
N MET B 206 -4.99 -14.51 13.98
CA MET B 206 -4.99 -14.75 15.42
C MET B 206 -3.66 -15.34 15.90
N LEU B 207 -2.89 -15.91 14.98
CA LEU B 207 -1.69 -16.67 15.33
C LEU B 207 -0.45 -15.78 15.26
N ASP B 208 0.21 -15.59 16.40
CA ASP B 208 1.54 -14.92 16.43
C ASP B 208 2.69 -15.93 16.32
N GLY B 209 2.33 -17.22 16.29
CA GLY B 209 3.30 -18.29 16.10
C GLY B 209 4.15 -18.59 17.32
N GLY B 210 3.78 -17.98 18.45
CA GLY B 210 4.56 -17.97 19.66
C GLY B 210 4.34 -19.20 20.51
N ASP B 211 4.46 -19.06 21.82
CA ASP B 211 4.60 -20.23 22.66
C ASP B 211 3.29 -20.85 23.20
N ASN B 212 2.19 -20.11 23.12
CA ASN B 212 0.87 -20.62 23.50
C ASN B 212 0.45 -21.70 22.53
N PRO B 213 0.06 -22.90 23.04
CA PRO B 213 -0.45 -23.98 22.22
C PRO B 213 -1.76 -23.52 21.56
N LEU B 214 -2.05 -24.00 20.36
CA LEU B 214 -3.34 -23.81 19.71
C LEU B 214 -4.20 -25.05 19.88
N ARG B 215 -5.40 -24.89 20.44
CA ARG B 215 -6.35 -25.99 20.58
C ARG B 215 -7.45 -25.81 19.56
N VAL B 216 -7.69 -26.84 18.76
CA VAL B 216 -8.73 -26.82 17.73
C VAL B 216 -9.84 -27.81 18.12
N GLN B 217 -11.07 -27.37 18.04
CA GLN B 217 -12.23 -28.24 18.24
C GLN B 217 -13.11 -28.17 17.01
N ILE B 218 -13.47 -29.33 16.47
CA ILE B 218 -14.31 -29.41 15.29
C ILE B 218 -15.62 -30.12 15.61
N GLY B 219 -16.73 -29.46 15.28
CA GLY B 219 -18.07 -30.06 15.35
C GLY B 219 -18.58 -30.35 13.96
N SER B 220 -19.84 -30.79 13.85
CA SER B 220 -20.44 -31.11 12.55
CA SER B 220 -20.45 -31.10 12.57
C SER B 220 -20.49 -29.91 11.60
N ASN B 221 -20.74 -28.74 12.15
CA ASN B 221 -20.95 -27.55 11.35
C ASN B 221 -20.14 -26.35 11.81
N ASN B 222 -19.18 -26.55 12.70
CA ASN B 222 -18.41 -25.46 13.28
C ASN B 222 -16.97 -25.88 13.52
N ILE B 223 -16.11 -24.88 13.57
CA ILE B 223 -14.73 -25.04 14.03
C ILE B 223 -14.40 -23.97 15.06
N ARG B 224 -13.58 -24.33 16.04
CA ARG B 224 -13.16 -23.42 17.07
C ARG B 224 -11.67 -23.55 17.27
N ALA B 225 -11.03 -22.38 17.40
CA ALA B 225 -9.60 -22.32 17.67
C ALA B 225 -9.34 -21.43 18.87
N HIS B 226 -8.62 -21.99 19.83
CA HIS B 226 -8.32 -21.33 21.11
C HIS B 226 -6.81 -21.18 21.28
N VAL B 227 -6.36 -19.94 21.43
CA VAL B 227 -4.95 -19.63 21.73
C VAL B 227 -4.90 -18.56 22.81
N GLY B 228 -4.29 -18.89 23.94
CA GLY B 228 -4.18 -17.95 25.07
C GLY B 228 -5.49 -17.25 25.36
N ASP B 229 -5.50 -15.92 25.27
CA ASP B 229 -6.67 -15.10 25.62
C ASP B 229 -7.72 -14.97 24.51
N PHE B 230 -7.57 -15.72 23.42
CA PHE B 230 -8.41 -15.57 22.23
C PHE B 230 -9.12 -16.85 21.83
N ILE B 231 -10.40 -16.74 21.51
CA ILE B 231 -11.19 -17.87 21.06
C ILE B 231 -11.93 -17.47 19.81
N PHE B 232 -11.61 -18.18 18.73
CA PHE B 232 -12.22 -17.99 17.40
C PHE B 232 -13.20 -19.10 17.08
N THR B 233 -14.41 -18.74 16.62
CA THR B 233 -15.39 -19.74 16.22
C THR B 233 -15.95 -19.37 14.85
N SER B 234 -16.02 -20.36 13.97
CA SER B 234 -16.59 -20.18 12.63
C SER B 234 -17.52 -21.31 12.22
N LYS B 235 -18.48 -20.97 11.39
CA LYS B 235 -19.24 -21.97 10.67
C LYS B 235 -18.36 -22.61 9.62
N LEU B 236 -18.61 -23.88 9.35
CA LEU B 236 -17.98 -24.54 8.24
C LEU B 236 -18.83 -24.34 6.99
N VAL B 237 -18.17 -24.54 5.85
CA VAL B 237 -18.88 -24.56 4.57
C VAL B 237 -19.48 -25.94 4.40
N ASP B 238 -20.78 -25.97 4.22
CA ASP B 238 -21.53 -27.20 4.13
C ASP B 238 -21.53 -27.63 2.67
N GLY B 239 -20.62 -28.52 2.33
CA GLY B 239 -20.40 -28.92 0.95
C GLY B 239 -19.33 -29.97 0.85
N ARG B 240 -19.11 -30.44 -0.38
CA ARG B 240 -18.17 -31.50 -0.70
C ARG B 240 -16.96 -30.97 -1.48
N PHE B 241 -15.77 -31.22 -0.94
CA PHE B 241 -14.51 -30.73 -1.51
C PHE B 241 -13.89 -31.76 -2.44
N PRO B 242 -13.22 -31.32 -3.53
CA PRO B 242 -12.48 -32.25 -4.40
C PRO B 242 -11.38 -33.07 -3.68
N ASP B 243 -11.08 -34.25 -4.21
CA ASP B 243 -10.03 -35.12 -3.69
C ASP B 243 -8.68 -34.79 -4.31
N TYR B 244 -7.75 -34.26 -3.52
CA TYR B 244 -6.44 -33.83 -4.04
C TYR B 244 -5.62 -35.00 -4.58
N ARG B 245 -5.99 -36.21 -4.17
CA ARG B 245 -5.28 -37.39 -4.58
C ARG B 245 -5.45 -37.62 -6.09
N ARG B 246 -6.57 -37.19 -6.64
CA ARG B 246 -6.86 -37.44 -8.05
C ARG B 246 -6.12 -36.47 -8.99
N VAL B 247 -5.67 -35.33 -8.48
CA VAL B 247 -4.98 -34.34 -9.34
C VAL B 247 -3.46 -34.43 -9.26
N LEU B 248 -2.91 -35.03 -8.20
CA LEU B 248 -1.47 -35.21 -8.13
C LEU B 248 -1.04 -36.16 -9.25
N PRO B 249 -0.06 -35.77 -10.07
CA PRO B 249 0.31 -36.64 -11.20
C PRO B 249 0.80 -38.03 -10.78
N LYS B 250 0.45 -39.05 -11.57
CA LYS B 250 0.71 -40.45 -11.22
C LYS B 250 2.15 -40.71 -10.88
N ASN B 251 3.02 -40.66 -11.89
CA ASN B 251 4.37 -41.11 -11.64
C ASN B 251 5.44 -40.24 -12.28
N PRO B 252 5.42 -38.93 -11.96
CA PRO B 252 6.28 -37.97 -12.64
C PRO B 252 7.76 -38.33 -12.48
N ASP B 253 8.38 -38.78 -13.57
CA ASP B 253 9.71 -39.36 -13.52
C ASP B 253 10.79 -38.44 -14.11
N LYS B 254 10.42 -37.18 -14.32
CA LYS B 254 11.35 -36.20 -14.89
C LYS B 254 11.49 -35.00 -13.94
N HIS B 255 12.46 -35.08 -13.05
CA HIS B 255 12.65 -34.06 -12.01
C HIS B 255 13.71 -33.03 -12.39
N LEU B 256 13.28 -31.78 -12.37
CA LEU B 256 14.15 -30.64 -12.59
C LEU B 256 14.32 -29.97 -11.24
N GLU B 257 15.56 -29.70 -10.83
N GLU B 257 15.55 -29.64 -10.87
CA GLU B 257 15.83 -28.88 -9.64
CA GLU B 257 15.81 -28.86 -9.66
C GLU B 257 16.61 -27.61 -10.00
C GLU B 257 16.62 -27.61 -9.99
N ALA B 258 16.22 -26.50 -9.40
CA ALA B 258 16.91 -25.23 -9.61
C ALA B 258 16.75 -24.34 -8.39
N GLY B 259 17.66 -23.38 -8.23
CA GLY B 259 17.55 -22.31 -7.22
C GLY B 259 16.24 -21.56 -7.36
N CYS B 260 15.55 -21.33 -6.25
CA CYS B 260 14.19 -20.79 -6.33
C CYS B 260 14.18 -19.40 -6.94
N ASP B 261 15.11 -18.58 -6.49
CA ASP B 261 15.11 -17.18 -6.88
C ASP B 261 15.51 -17.02 -8.33
N LEU B 262 16.45 -17.86 -8.78
CA LEU B 262 16.88 -17.80 -10.17
C LEU B 262 15.70 -18.19 -11.06
N LEU B 263 14.97 -19.23 -10.69
CA LEU B 263 13.82 -19.68 -11.49
C LEU B 263 12.73 -18.62 -11.50
N LYS B 264 12.46 -18.07 -10.33
CA LYS B 264 11.41 -17.09 -10.17
C LYS B 264 11.70 -15.83 -11.02
N GLN B 265 12.95 -15.35 -10.98
CA GLN B 265 13.30 -14.15 -11.73
C GLN B 265 13.25 -14.41 -13.22
N ALA B 266 13.67 -15.60 -13.65
CA ALA B 266 13.55 -15.96 -15.07
C ALA B 266 12.09 -15.98 -15.50
N PHE B 267 11.22 -16.60 -14.71
CA PHE B 267 9.79 -16.61 -15.05
C PHE B 267 9.20 -15.20 -15.01
N ALA B 268 9.62 -14.39 -14.04
CA ALA B 268 9.03 -13.05 -13.88
C ALA B 268 9.37 -12.16 -15.09
N ARG B 269 10.61 -12.23 -15.57
CA ARG B 269 10.99 -11.48 -16.80
C ARG B 269 10.20 -11.99 -18.02
N ALA B 270 10.19 -13.30 -18.22
CA ALA B 270 9.49 -13.90 -19.36
C ALA B 270 8.04 -13.52 -19.35
N ALA B 271 7.43 -13.51 -18.16
CA ALA B 271 6.00 -13.15 -18.01
C ALA B 271 5.62 -11.77 -18.55
N ILE B 272 6.56 -10.84 -18.57
CA ILE B 272 6.31 -9.50 -19.08
C ILE B 272 5.74 -9.56 -20.53
N LEU B 273 6.24 -10.51 -21.31
CA LEU B 273 5.81 -10.62 -22.70
C LEU B 273 4.88 -11.81 -22.96
N SER B 274 4.24 -12.32 -21.90
CA SER B 274 3.15 -13.28 -22.03
C SER B 274 1.81 -12.62 -22.22
N ASN B 275 0.87 -13.40 -22.75
CA ASN B 275 -0.50 -12.96 -22.90
C ASN B 275 -1.05 -12.48 -21.55
N GLU B 276 -1.58 -11.27 -21.51
CA GLU B 276 -2.05 -10.65 -20.26
C GLU B 276 -3.20 -11.41 -19.63
N LYS B 277 -4.02 -12.06 -20.46
CA LYS B 277 -5.20 -12.75 -19.98
C LYS B 277 -4.91 -14.20 -19.59
N PHE B 278 -4.20 -14.94 -20.44
CA PHE B 278 -4.00 -16.37 -20.22
C PHE B 278 -2.59 -16.78 -19.79
N ARG B 279 -1.65 -15.86 -19.94
CA ARG B 279 -0.37 -15.92 -19.22
C ARG B 279 0.49 -17.17 -19.51
N GLY B 280 0.35 -17.73 -20.71
CA GLY B 280 1.06 -18.94 -21.09
C GLY B 280 2.51 -18.68 -21.39
N VAL B 281 3.36 -19.50 -20.79
CA VAL B 281 4.80 -19.58 -21.10
C VAL B 281 5.16 -21.04 -21.38
N ARG B 282 6.19 -21.23 -22.19
CA ARG B 282 6.62 -22.55 -22.58
C ARG B 282 7.94 -22.87 -21.94
N LEU B 283 8.12 -24.14 -21.57
CA LEU B 283 9.38 -24.64 -21.05
C LEU B 283 9.93 -25.70 -21.99
N TYR B 284 11.23 -25.65 -22.24
CA TYR B 284 11.93 -26.69 -22.97
C TYR B 284 13.02 -27.21 -22.06
N VAL B 285 12.90 -28.47 -21.66
CA VAL B 285 13.89 -29.03 -20.75
C VAL B 285 14.82 -29.98 -21.50
N SER B 286 16.11 -29.81 -21.24
CA SER B 286 17.16 -30.65 -21.82
C SER B 286 18.25 -30.87 -20.77
N GLU B 287 19.28 -31.66 -21.11
CA GLU B 287 20.35 -31.99 -20.16
C GLU B 287 20.81 -30.78 -19.37
N ASN B 288 20.47 -30.76 -18.09
CA ASN B 288 20.87 -29.70 -17.20
C ASN B 288 20.59 -28.28 -17.72
N GLN B 289 19.53 -28.12 -18.49
CA GLN B 289 19.22 -26.80 -19.02
C GLN B 289 17.73 -26.61 -19.12
N LEU B 290 17.27 -25.42 -18.80
CA LEU B 290 15.88 -25.03 -19.00
C LEU B 290 15.83 -23.79 -19.89
N LYS B 291 14.94 -23.81 -20.86
CA LYS B 291 14.64 -22.61 -21.66
C LYS B 291 13.16 -22.26 -21.47
N ILE B 292 12.89 -21.01 -21.11
CA ILE B 292 11.53 -20.53 -20.94
C ILE B 292 11.26 -19.54 -22.05
N THR B 293 10.12 -19.68 -22.76
CA THR B 293 9.76 -18.69 -23.76
C THR B 293 8.34 -18.14 -23.49
N ALA B 294 8.10 -16.93 -23.95
CA ALA B 294 6.81 -16.30 -23.81
C ALA B 294 6.58 -15.43 -25.03
N ASN B 295 5.35 -15.43 -25.55
CA ASN B 295 4.95 -14.43 -26.52
C ASN B 295 3.51 -13.98 -26.35
N ASN B 296 3.20 -12.83 -26.95
CA ASN B 296 1.90 -12.20 -26.76
C ASN B 296 1.23 -11.93 -28.11
N PRO B 297 0.01 -11.40 -28.10
CA PRO B 297 -0.68 -11.23 -29.38
C PRO B 297 -0.03 -10.21 -30.32
N GLU B 298 0.78 -9.31 -29.77
CA GLU B 298 1.52 -8.31 -30.56
C GLU B 298 2.85 -8.90 -31.06
N GLN B 299 3.07 -10.19 -30.81
CA GLN B 299 4.21 -10.95 -31.31
C GLN B 299 5.54 -10.48 -30.73
N GLU B 300 5.49 -9.90 -29.54
CA GLU B 300 6.70 -9.71 -28.76
C GLU B 300 7.09 -11.06 -28.16
N GLU B 301 8.36 -11.25 -27.92
CA GLU B 301 8.87 -12.53 -27.46
C GLU B 301 9.95 -12.36 -26.39
N ALA B 302 9.90 -13.26 -25.41
CA ALA B 302 10.93 -13.37 -24.38
C ALA B 302 11.53 -14.79 -24.41
N GLU B 303 12.81 -14.90 -24.06
CA GLU B 303 13.48 -16.18 -23.93
C GLU B 303 14.46 -16.08 -22.75
N GLU B 304 14.41 -17.08 -21.87
CA GLU B 304 15.35 -17.22 -20.76
C GLU B 304 15.98 -18.61 -20.79
N ILE B 305 17.30 -18.68 -20.68
CA ILE B 305 17.98 -19.97 -20.56
C ILE B 305 18.70 -19.97 -19.22
N LEU B 306 18.53 -21.07 -18.48
CA LEU B 306 19.11 -21.25 -17.15
C LEU B 306 19.74 -22.62 -17.08
N ASP B 307 20.85 -22.72 -16.35
CA ASP B 307 21.37 -23.98 -15.90
C ASP B 307 20.50 -24.50 -14.76
N VAL B 308 20.16 -25.78 -14.83
CA VAL B 308 19.41 -26.47 -13.80
C VAL B 308 19.93 -27.89 -13.68
N THR B 309 19.41 -28.63 -12.71
CA THR B 309 19.68 -30.06 -12.63
C THR B 309 18.57 -30.83 -13.29
N TYR B 310 18.89 -31.51 -14.39
CA TYR B 310 17.90 -32.31 -15.13
C TYR B 310 18.57 -33.38 -16.00
N SER B 311 18.10 -34.62 -15.88
CA SER B 311 18.71 -35.76 -16.58
CA SER B 311 18.71 -35.75 -16.59
C SER B 311 17.72 -36.56 -17.42
N GLY B 312 16.43 -36.25 -17.32
CA GLY B 312 15.40 -36.99 -18.08
C GLY B 312 15.41 -36.77 -19.59
N ALA B 313 14.38 -37.33 -20.23
CA ALA B 313 14.17 -37.09 -21.66
C ALA B 313 13.87 -35.62 -21.93
N GLU B 314 14.23 -35.17 -23.12
CA GLU B 314 13.88 -33.82 -23.52
C GLU B 314 12.36 -33.75 -23.65
N MET B 315 11.78 -32.65 -23.20
CA MET B 315 10.37 -32.40 -23.44
C MET B 315 10.05 -30.90 -23.41
N GLU B 316 8.86 -30.56 -23.87
CA GLU B 316 8.34 -29.21 -23.80
C GLU B 316 7.04 -29.28 -23.02
N ILE B 317 6.73 -28.21 -22.27
CA ILE B 317 5.44 -28.08 -21.61
C ILE B 317 5.13 -26.60 -21.46
N GLY B 318 3.85 -26.26 -21.52
CA GLY B 318 3.42 -24.89 -21.22
C GLY B 318 2.58 -24.83 -19.98
N PHE B 319 2.57 -23.66 -19.35
CA PHE B 319 1.68 -23.41 -18.23
C PHE B 319 1.52 -21.94 -17.95
N ASN B 320 0.57 -21.65 -17.07
CA ASN B 320 0.17 -20.29 -16.72
C ASN B 320 1.25 -19.81 -15.76
N VAL B 321 2.00 -18.80 -16.18
CA VAL B 321 3.16 -18.30 -15.40
C VAL B 321 2.77 -17.64 -14.09
N SER B 322 1.59 -17.03 -14.00
CA SER B 322 1.12 -16.43 -12.76
C SER B 322 0.93 -17.52 -11.72
N TYR B 323 0.39 -18.65 -12.15
CA TYR B 323 0.19 -19.79 -11.23
C TYR B 323 1.53 -20.32 -10.74
N VAL B 324 2.49 -20.40 -11.64
CA VAL B 324 3.85 -20.87 -11.27
C VAL B 324 4.52 -19.85 -10.35
N LEU B 325 4.45 -18.55 -10.68
CA LEU B 325 5.04 -17.53 -9.81
C LEU B 325 4.42 -17.53 -8.41
N ASP B 326 3.11 -17.75 -8.33
CA ASP B 326 2.41 -17.84 -7.04
C ASP B 326 3.02 -18.93 -6.18
N VAL B 327 3.32 -20.08 -6.81
CA VAL B 327 3.96 -21.20 -6.11
C VAL B 327 5.36 -20.83 -5.64
N LEU B 328 6.18 -20.27 -6.53
CA LEU B 328 7.57 -19.99 -6.19
C LEU B 328 7.58 -18.92 -5.10
N ASN B 329 6.59 -18.03 -5.11
CA ASN B 329 6.51 -17.01 -4.06
C ASN B 329 6.06 -17.58 -2.71
N ALA B 330 5.12 -18.54 -2.74
CA ALA B 330 4.69 -19.26 -1.52
C ALA B 330 5.78 -20.09 -0.88
N LEU B 331 6.65 -20.67 -1.71
CA LEU B 331 7.66 -21.63 -1.24
C LEU B 331 8.74 -21.04 -0.31
N LYS B 332 9.25 -19.87 -0.61
CA LYS B 332 10.21 -19.22 0.31
C LYS B 332 11.26 -20.23 0.79
N CYS B 333 11.91 -20.89 -0.16
CA CYS B 333 12.95 -21.89 0.11
C CYS B 333 14.11 -21.73 -0.89
N GLU B 334 15.23 -22.38 -0.65
CA GLU B 334 16.43 -22.15 -1.47
C GLU B 334 16.33 -22.81 -2.84
N ASN B 335 15.86 -24.05 -2.86
CA ASN B 335 15.80 -24.85 -4.09
C ASN B 335 14.43 -25.45 -4.33
N VAL B 336 14.05 -25.58 -5.60
CA VAL B 336 12.72 -26.03 -6.03
CA VAL B 336 12.72 -26.11 -5.95
C VAL B 336 12.85 -27.26 -6.90
N ARG B 337 11.90 -28.19 -6.79
CA ARG B 337 11.81 -29.34 -7.66
C ARG B 337 10.54 -29.21 -8.51
N MET B 338 10.70 -29.32 -9.83
CA MET B 338 9.56 -29.40 -10.74
C MET B 338 9.49 -30.84 -11.27
N MET B 339 8.39 -31.51 -10.97
CA MET B 339 8.19 -32.93 -11.25
C MET B 339 7.31 -33.08 -12.48
N LEU B 340 7.94 -33.47 -13.59
CA LEU B 340 7.32 -33.42 -14.92
C LEU B 340 7.06 -34.83 -15.43
N THR B 341 6.11 -34.95 -16.37
CA THR B 341 5.78 -36.22 -16.99
C THR B 341 5.86 -36.07 -18.52
N ASP B 342 5.02 -35.21 -19.06
CA ASP B 342 5.04 -34.91 -20.49
C ASP B 342 4.24 -33.65 -20.75
N SER B 343 4.16 -33.26 -22.01
CA SER B 343 3.52 -32.03 -22.43
C SER B 343 1.99 -32.01 -22.27
N VAL B 344 1.38 -33.15 -21.95
CA VAL B 344 -0.08 -33.19 -21.78
C VAL B 344 -0.49 -33.54 -20.34
N SER B 345 0.44 -33.39 -19.40
CA SER B 345 0.16 -33.70 -18.00
C SER B 345 0.57 -32.55 -17.11
N SER B 346 0.00 -32.53 -15.90
CA SER B 346 0.28 -31.47 -14.94
C SER B 346 1.68 -31.58 -14.43
N VAL B 347 2.13 -30.52 -13.76
CA VAL B 347 3.43 -30.52 -13.11
C VAL B 347 3.17 -30.39 -11.63
N GLN B 348 4.00 -31.06 -10.85
CA GLN B 348 3.95 -30.93 -9.41
C GLN B 348 5.24 -30.22 -9.00
N ILE B 349 5.09 -29.23 -8.14
CA ILE B 349 6.21 -28.43 -7.70
C ILE B 349 6.33 -28.53 -6.19
N GLU B 350 7.56 -28.63 -5.71
CA GLU B 350 7.84 -28.76 -4.29
C GLU B 350 9.12 -28.04 -3.95
N ASP B 351 9.29 -27.72 -2.66
CA ASP B 351 10.61 -27.42 -2.14
C ASP B 351 11.48 -28.65 -2.40
N ALA B 352 12.66 -28.46 -2.98
CA ALA B 352 13.48 -29.62 -3.35
C ALA B 352 13.87 -30.43 -2.10
N ALA B 353 13.85 -29.77 -0.94
CA ALA B 353 14.25 -30.39 0.32
C ALA B 353 13.08 -30.91 1.16
N SER B 354 11.85 -30.82 0.69
CA SER B 354 10.73 -31.22 1.54
C SER B 354 9.49 -31.55 0.74
N GLN B 355 8.86 -32.66 1.10
CA GLN B 355 7.65 -33.14 0.43
C GLN B 355 6.40 -32.71 1.21
N SER B 356 6.57 -31.87 2.22
CA SER B 356 5.43 -31.53 3.08
C SER B 356 4.39 -30.66 2.37
N ALA B 357 4.82 -29.85 1.39
CA ALA B 357 3.87 -29.09 0.57
C ALA B 357 4.04 -29.44 -0.91
N ALA B 358 2.94 -29.51 -1.63
CA ALA B 358 3.00 -29.83 -3.06
C ALA B 358 2.01 -28.98 -3.78
N TYR B 359 2.36 -28.59 -5.00
CA TYR B 359 1.54 -27.69 -5.78
C TYR B 359 1.37 -28.30 -7.14
N VAL B 360 0.15 -28.26 -7.67
CA VAL B 360 -0.12 -28.77 -9.01
C VAL B 360 -0.66 -27.65 -9.92
N VAL B 361 -0.05 -27.56 -11.10
CA VAL B 361 -0.44 -26.61 -12.13
C VAL B 361 -0.64 -27.42 -13.39
N MET B 362 -1.70 -27.07 -14.11
CA MET B 362 -2.12 -27.83 -15.27
C MET B 362 -1.33 -27.40 -16.49
N PRO B 363 -1.23 -28.29 -17.48
CA PRO B 363 -0.47 -27.97 -18.67
C PRO B 363 -1.26 -27.07 -19.60
N MET B 364 -0.56 -26.18 -20.31
CA MET B 364 -1.21 -25.46 -21.39
C MET B 364 -0.61 -25.88 -22.72
N ARG B 365 -1.47 -25.95 -23.74
CA ARG B 365 -1.07 -26.15 -25.12
C ARG B 365 -0.98 -24.78 -25.76
N LEU B 366 0.21 -24.36 -26.11
CA LEU B 366 0.41 -22.99 -26.59
C LEU B 366 0.72 -22.89 -28.08
C1 4FC C . -8.21 29.99 1.21
C2 4FC C . -8.77 30.76 2.21
C3 4FC C . -9.71 31.72 1.88
C4 4FC C . -10.09 31.93 0.56
C5 4FC C . -9.51 31.18 -0.44
C6 4FC C . -8.58 30.19 -0.11
C7 4FC C . -11.23 31.47 -2.12
C8 4FC C . -9.89 31.34 -1.78
C9 4FC C . -8.91 31.33 -2.79
C10 4FC C . -9.30 31.46 -4.11
C11 4FC C . -10.63 31.60 -4.47
C12 4FC C . -11.60 31.61 -3.46
F1 4FC C . -8.41 30.56 3.52
C13 4FC C . -10.98 31.72 -5.81
O1 4FC C . -10.09 31.90 -6.68
O2 4FC C . -12.18 31.59 -6.18
CA CA D . -15.02 39.79 8.94
C1 PEG E . 14.27 26.35 -25.79
O1 PEG E . 14.00 27.22 -24.68
C2 PEG E . 13.29 25.19 -25.83
O2 PEG E . 13.43 24.50 -27.07
C3 PEG E . 13.52 23.07 -27.03
C4 PEG E . 14.97 22.64 -26.92
O4 PEG E . 15.10 21.45 -26.12
CA CA F . 6.38 12.44 -18.99
CA CA G . -17.56 15.27 26.57
CA CA H . 6.29 33.29 3.24
CA CA I . 27.68 1.56 -19.11
CA CA J . 13.91 -14.45 -28.58
CA CA K . -15.48 -11.30 13.84
C1 PEG L . -17.89 -26.97 22.87
O1 PEG L . -16.47 -26.79 22.80
C2 PEG L . -18.55 -25.99 21.93
O2 PEG L . -19.16 -24.94 22.70
C3 PEG L . -20.05 -24.15 21.92
C4 PEG L . -20.54 -22.97 22.75
O4 PEG L . -19.42 -22.23 23.26
CL CL M . 3.92 -17.99 -24.73
CA CA N . -4.28 -2.58 32.97
CA CA O . 1.32 -33.60 1.28
#